data_4W78
#
_entry.id   4W78
#
_cell.length_a   51.785
_cell.length_b   134.096
_cell.length_c   90.420
_cell.angle_alpha   90.00
_cell.angle_beta   91.58
_cell.angle_gamma   90.00
#
_symmetry.space_group_name_H-M   'P 1 21 1'
#
loop_
_entity.id
_entity.type
_entity.pdbx_description
1 polymer 'Hydratase ChsH1'
2 polymer 'Hydratase ChsH2'
3 non-polymer 'CADMIUM ION'
4 non-polymer 'CHLORIDE ION'
5 non-polymer 'SODIUM ION'
6 non-polymer 'CALCIUM ION'
7 water water
#
loop_
_entity_poly.entity_id
_entity_poly.type
_entity_poly.pdbx_seq_one_letter_code
_entity_poly.pdbx_strand_id
1 'polypeptide(L)'
;GVSDIQEAVAQIKAAGPSKPRLARDPVNQPMINNWVEAIGDRNPIYVDDAAARAAGHPGIVAPPAMIQVWTMMGLGGVRP
KDDPLGPIIKLFDDAGYIGVVATNCEQTYHRYLLPGEQVSISAELGDVVGPKQTALGEGWFINQHIVWQVGDEDVAEMNW
RILKFKPAGSPSSVPDDL
;
A,C,E,G
2 'polypeptide(L)'
;MTVVGAVLPELKLYGDPTFIVSTALATRDFQDVHHDRDKAVAQGSKDIFVNILTDTGLVQRYVTDWAGPSALIKSIGLRL
GVPWYAYDTVTFSGEVTAVNDGLITVKVVGRNTLGDHVTATVELSMR
;
B,D,F,H
#
# COMPACT_ATOMS: atom_id res chain seq x y z
N VAL A 2 6.11 -32.98 -21.10
CA VAL A 2 5.31 -33.92 -20.31
C VAL A 2 6.14 -34.46 -19.14
N SER A 3 7.40 -34.74 -19.40
CA SER A 3 8.29 -35.28 -18.38
C SER A 3 8.58 -34.25 -17.28
N ASP A 4 8.89 -33.02 -17.68
CA ASP A 4 9.15 -31.96 -16.72
C ASP A 4 7.90 -31.58 -15.93
N ILE A 5 6.74 -31.72 -16.56
CA ILE A 5 5.47 -31.49 -15.88
C ILE A 5 5.23 -32.51 -14.77
N GLN A 6 5.43 -33.79 -15.09
CA GLN A 6 5.28 -34.85 -14.09
C GLN A 6 6.24 -34.66 -12.92
N GLU A 7 7.49 -34.27 -13.24
CA GLU A 7 8.48 -34.01 -12.20
C GLU A 7 8.10 -32.83 -11.32
N ALA A 8 7.56 -31.76 -11.92
CA ALA A 8 7.16 -30.59 -11.15
C ALA A 8 5.98 -30.91 -10.25
N VAL A 9 5.01 -31.67 -10.78
CA VAL A 9 3.87 -32.09 -10.01
C VAL A 9 4.29 -32.90 -8.79
N ALA A 10 5.25 -33.79 -8.98
CA ALA A 10 5.76 -34.63 -7.90
C ALA A 10 6.36 -33.76 -6.78
N GLN A 11 7.13 -32.76 -7.16
CA GLN A 11 7.72 -31.90 -6.13
C GLN A 11 6.65 -31.11 -5.36
N ILE A 12 5.58 -30.69 -6.04
CA ILE A 12 4.48 -30.04 -5.37
C ILE A 12 3.78 -30.99 -4.40
N LYS A 13 3.52 -32.21 -4.86
CA LYS A 13 2.85 -33.19 -4.00
C LYS A 13 3.65 -33.54 -2.77
N ALA A 14 4.97 -33.46 -2.87
CA ALA A 14 5.83 -33.89 -1.78
C ALA A 14 5.70 -32.96 -0.57
N ALA A 15 5.14 -31.76 -0.78
CA ALA A 15 4.93 -30.80 0.31
C ALA A 15 3.74 -31.20 1.18
N GLY A 16 2.91 -32.09 0.66
CA GLY A 16 1.72 -32.53 1.37
C GLY A 16 0.64 -31.46 1.42
N PRO A 17 -0.46 -31.77 2.13
CA PRO A 17 -1.60 -30.85 2.17
C PRO A 17 -1.24 -29.51 2.79
N SER A 18 -1.95 -28.46 2.39
CA SER A 18 -1.75 -27.14 2.98
C SER A 18 -2.16 -27.16 4.46
N LYS A 19 -1.46 -26.35 5.27
CA LYS A 19 -1.81 -26.23 6.69
C LYS A 19 -3.22 -25.69 6.80
N PRO A 20 -4.00 -26.18 7.77
CA PRO A 20 -5.39 -25.71 7.87
C PRO A 20 -5.48 -24.18 7.98
N ARG A 21 -6.36 -23.62 7.16
CA ARG A 21 -6.58 -22.19 7.09
C ARG A 21 -7.97 -21.92 7.64
N LEU A 22 -8.04 -21.08 8.66
CA LEU A 22 -9.32 -20.74 9.30
CA LEU A 22 -9.32 -20.74 9.30
C LEU A 22 -10.20 -19.87 8.43
N ALA A 23 -11.49 -20.20 8.43
CA ALA A 23 -12.50 -19.38 7.78
C ALA A 23 -12.49 -17.99 8.40
N ARG A 24 -12.80 -16.99 7.58
CA ARG A 24 -12.84 -15.61 8.08
C ARG A 24 -13.76 -15.47 9.29
N ASP A 25 -14.93 -16.12 9.22
CA ASP A 25 -15.92 -16.06 10.30
C ASP A 25 -16.27 -17.46 10.74
N PRO A 26 -16.72 -17.61 12.00
CA PRO A 26 -17.39 -18.85 12.35
C PRO A 26 -18.66 -18.98 11.52
N VAL A 27 -19.19 -20.20 11.40
CA VAL A 27 -20.53 -20.37 10.83
C VAL A 27 -21.45 -19.40 11.56
N ASN A 28 -22.29 -18.68 10.82
CA ASN A 28 -23.06 -17.62 11.45
C ASN A 28 -24.39 -17.37 10.76
N GLN A 29 -25.38 -16.97 11.56
CA GLN A 29 -26.73 -16.75 11.06
C GLN A 29 -26.85 -15.65 9.97
N PRO A 30 -26.15 -14.50 10.12
CA PRO A 30 -26.30 -13.47 9.09
C PRO A 30 -25.91 -13.98 7.70
N MET A 31 -24.83 -14.74 7.61
CA MET A 31 -24.44 -15.29 6.31
C MET A 31 -25.33 -16.44 5.84
N ILE A 32 -25.85 -17.26 6.75
CA ILE A 32 -26.85 -18.24 6.39
C ILE A 32 -28.07 -17.52 5.82
N ASN A 33 -28.48 -16.45 6.48
CA ASN A 33 -29.63 -15.66 6.01
C ASN A 33 -29.41 -15.13 4.60
N ASN A 34 -28.24 -14.56 4.34
CA ASN A 34 -27.97 -14.02 3.01
C ASN A 34 -28.07 -15.12 1.97
N TRP A 35 -27.55 -16.29 2.31
CA TRP A 35 -27.48 -17.42 1.39
C TRP A 35 -28.86 -18.02 1.13
N VAL A 36 -29.61 -18.35 2.17
CA VAL A 36 -30.93 -18.95 1.92
C VAL A 36 -31.85 -17.98 1.17
N GLU A 37 -31.73 -16.69 1.43
CA GLU A 37 -32.57 -15.72 0.75
C GLU A 37 -32.24 -15.65 -0.74
N ALA A 38 -30.96 -15.67 -1.09
CA ALA A 38 -30.59 -15.58 -2.50
C ALA A 38 -30.89 -16.89 -3.25
N ILE A 39 -30.58 -18.02 -2.61
CA ILE A 39 -30.83 -19.35 -3.22
C ILE A 39 -32.32 -19.62 -3.30
N GLY A 40 -33.09 -19.01 -2.40
CA GLY A 40 -34.53 -19.20 -2.35
C GLY A 40 -34.93 -20.48 -1.64
N ASP A 41 -34.06 -20.98 -0.78
CA ASP A 41 -34.31 -22.22 -0.05
C ASP A 41 -35.04 -21.93 1.25
N ARG A 42 -36.31 -22.34 1.32
CA ARG A 42 -37.15 -22.01 2.46
C ARG A 42 -37.10 -23.05 3.59
N ASN A 43 -36.17 -24.01 3.51
CA ASN A 43 -36.03 -25.04 4.54
C ASN A 43 -35.94 -24.41 5.92
N PRO A 44 -36.91 -24.72 6.79
CA PRO A 44 -36.97 -23.99 8.07
C PRO A 44 -35.85 -24.32 9.03
N ILE A 45 -35.14 -25.43 8.83
CA ILE A 45 -34.09 -25.80 9.77
C ILE A 45 -32.89 -24.83 9.74
N TYR A 46 -32.81 -23.99 8.70
CA TYR A 46 -31.70 -23.04 8.59
C TYR A 46 -32.00 -21.73 9.29
N VAL A 47 -33.25 -21.54 9.71
CA VAL A 47 -33.68 -20.26 10.24
C VAL A 47 -34.57 -20.34 11.49
N ASP A 48 -34.95 -21.54 11.90
CA ASP A 48 -35.92 -21.73 13.00
C ASP A 48 -35.43 -22.85 13.91
N ASP A 49 -35.06 -22.50 15.13
CA ASP A 49 -34.56 -23.46 16.13
C ASP A 49 -35.56 -24.61 16.36
N ALA A 50 -36.83 -24.27 16.53
CA ALA A 50 -37.84 -25.30 16.79
C ALA A 50 -37.95 -26.29 15.62
N ALA A 51 -37.93 -25.77 14.40
CA ALA A 51 -37.98 -26.63 13.23
C ALA A 51 -36.73 -27.50 13.12
N ALA A 52 -35.58 -26.93 13.41
CA ALA A 52 -34.33 -27.67 13.38
C ALA A 52 -34.34 -28.80 14.40
N ARG A 53 -34.84 -28.51 15.60
CA ARG A 53 -34.92 -29.54 16.64
C ARG A 53 -35.90 -30.67 16.28
N ALA A 54 -36.99 -30.33 15.61
CA ALA A 54 -37.96 -31.33 15.19
C ALA A 54 -37.36 -32.28 14.14
N ALA A 55 -36.32 -31.81 13.47
CA ALA A 55 -35.58 -32.61 12.51
C ALA A 55 -34.35 -33.28 13.12
N GLY A 56 -34.25 -33.22 14.44
CA GLY A 56 -33.17 -33.90 15.15
C GLY A 56 -31.85 -33.16 15.34
N HIS A 57 -31.81 -31.88 14.96
CA HIS A 57 -30.60 -31.08 15.12
C HIS A 57 -30.62 -30.36 16.47
N PRO A 58 -29.44 -30.03 17.02
CA PRO A 58 -29.37 -29.41 18.36
C PRO A 58 -29.92 -27.99 18.37
N GLY A 59 -30.10 -27.43 17.18
CA GLY A 59 -30.59 -26.07 17.00
C GLY A 59 -30.45 -25.78 15.52
N ILE A 60 -30.60 -24.51 15.13
CA ILE A 60 -30.44 -24.13 13.73
C ILE A 60 -29.13 -24.69 13.20
N VAL A 61 -29.16 -25.23 11.98
CA VAL A 61 -27.95 -25.72 11.36
C VAL A 61 -27.66 -24.96 10.07
N ALA A 62 -26.40 -24.96 9.65
CA ALA A 62 -26.04 -24.38 8.36
C ALA A 62 -26.41 -25.32 7.21
N PRO A 63 -26.80 -24.76 6.07
CA PRO A 63 -26.97 -25.62 4.89
C PRO A 63 -25.66 -26.32 4.56
N PRO A 64 -25.70 -27.64 4.30
CA PRO A 64 -24.45 -28.36 4.00
C PRO A 64 -23.71 -27.74 2.83
N ALA A 65 -24.45 -27.31 1.82
CA ALA A 65 -23.87 -26.74 0.60
C ALA A 65 -23.18 -25.39 0.82
N MET A 66 -23.29 -24.83 2.03
CA MET A 66 -22.50 -23.64 2.38
C MET A 66 -21.06 -23.92 2.81
N ILE A 67 -20.63 -25.18 2.85
CA ILE A 67 -19.30 -25.48 3.42
C ILE A 67 -18.18 -24.68 2.77
N GLN A 68 -18.19 -24.57 1.45
CA GLN A 68 -17.13 -23.86 0.75
C GLN A 68 -17.24 -22.35 0.94
N VAL A 69 -18.44 -21.86 1.24
CA VAL A 69 -18.63 -20.43 1.43
C VAL A 69 -17.82 -19.90 2.61
N TRP A 70 -17.77 -20.68 3.69
CA TRP A 70 -17.12 -20.19 4.90
C TRP A 70 -15.66 -19.86 4.66
N THR A 71 -15.02 -20.63 3.79
CA THR A 71 -13.58 -20.50 3.60
C THR A 71 -13.16 -19.77 2.31
N MET A 72 -14.13 -19.18 1.62
CA MET A 72 -13.78 -18.35 0.46
C MET A 72 -12.87 -17.21 0.87
N MET A 73 -11.92 -16.87 0.00
CA MET A 73 -10.91 -15.86 0.30
C MET A 73 -11.43 -14.43 0.32
N GLY A 74 -12.53 -14.17 -0.38
CA GLY A 74 -13.13 -12.85 -0.41
C GLY A 74 -12.50 -11.94 -1.44
N LEU A 75 -12.97 -10.70 -1.49
CA LEU A 75 -12.46 -9.69 -2.41
C LEU A 75 -10.96 -9.49 -2.28
N GLY A 76 -10.24 -9.71 -3.38
CA GLY A 76 -8.82 -9.45 -3.41
C GLY A 76 -8.00 -10.41 -2.57
N GLY A 77 -8.61 -11.52 -2.19
CA GLY A 77 -7.93 -12.51 -1.36
C GLY A 77 -6.77 -13.18 -2.06
N VAL A 78 -5.78 -13.59 -1.28
CA VAL A 78 -4.60 -14.27 -1.81
C VAL A 78 -4.40 -15.61 -1.11
N ARG A 79 -4.23 -16.66 -1.90
CA ARG A 79 -4.05 -18.00 -1.35
C ARG A 79 -2.77 -18.07 -0.54
N PRO A 80 -2.77 -18.92 0.51
CA PRO A 80 -1.58 -19.08 1.34
C PRO A 80 -0.43 -19.66 0.55
N LYS A 81 0.78 -19.47 1.09
CA LYS A 81 2.02 -19.84 0.41
C LYS A 81 2.20 -21.35 0.30
N ASP A 82 1.35 -22.11 0.98
CA ASP A 82 1.44 -23.56 0.87
C ASP A 82 0.30 -24.23 0.12
N ASP A 83 -0.51 -23.44 -0.55
CA ASP A 83 -1.61 -23.94 -1.35
C ASP A 83 -0.99 -24.57 -2.61
N PRO A 84 -1.27 -25.85 -2.85
CA PRO A 84 -0.61 -26.47 -4.01
C PRO A 84 -1.15 -25.98 -5.35
N LEU A 85 -2.29 -25.30 -5.36
CA LEU A 85 -2.92 -24.88 -6.62
C LEU A 85 -2.14 -23.76 -7.31
N GLY A 86 -1.61 -22.84 -6.52
CA GLY A 86 -0.76 -21.78 -7.06
C GLY A 86 0.34 -22.26 -7.98
N PRO A 87 1.22 -23.13 -7.47
CA PRO A 87 2.32 -23.69 -8.27
C PRO A 87 1.83 -24.47 -9.48
N ILE A 88 0.71 -25.18 -9.33
CA ILE A 88 0.15 -25.97 -10.42
C ILE A 88 -0.36 -25.08 -11.55
N ILE A 89 -1.07 -24.02 -11.18
CA ILE A 89 -1.56 -23.08 -12.18
C ILE A 89 -0.42 -22.41 -12.94
N LYS A 90 0.62 -21.98 -12.21
CA LYS A 90 1.81 -21.41 -12.86
C LYS A 90 2.49 -22.38 -13.82
N LEU A 91 2.67 -23.63 -13.38
CA LEU A 91 3.28 -24.67 -14.19
C LEU A 91 2.55 -24.79 -15.53
N PHE A 92 1.22 -24.93 -15.48
CA PHE A 92 0.45 -25.13 -16.71
C PHE A 92 0.28 -23.90 -17.58
N ASP A 93 0.17 -22.73 -16.95
CA ASP A 93 0.18 -21.47 -17.70
C ASP A 93 1.48 -21.32 -18.49
N ASP A 94 2.58 -21.66 -17.85
CA ASP A 94 3.90 -21.53 -18.47
C ASP A 94 4.07 -22.47 -19.66
N ALA A 95 3.36 -23.60 -19.61
CA ALA A 95 3.41 -24.57 -20.69
C ALA A 95 2.37 -24.28 -21.76
N GLY A 96 1.66 -23.15 -21.61
CA GLY A 96 0.74 -22.70 -22.64
C GLY A 96 -0.73 -23.02 -22.38
N TYR A 97 -0.99 -23.79 -21.34
CA TYR A 97 -2.37 -24.19 -21.03
C TYR A 97 -3.04 -23.10 -20.20
N ILE A 98 -3.29 -21.96 -20.82
CA ILE A 98 -3.74 -20.77 -20.08
C ILE A 98 -5.23 -20.76 -19.79
N GLY A 99 -5.99 -21.60 -20.49
CA GLY A 99 -7.41 -21.70 -20.25
C GLY A 99 -7.69 -22.56 -19.03
N VAL A 100 -8.84 -22.34 -18.41
CA VAL A 100 -9.26 -23.16 -17.26
C VAL A 100 -10.78 -23.27 -17.20
N VAL A 101 -11.25 -24.46 -16.82
CA VAL A 101 -12.68 -24.67 -16.55
C VAL A 101 -12.78 -25.72 -15.45
N ALA A 102 -13.73 -25.54 -14.54
CA ALA A 102 -14.01 -26.60 -13.58
C ALA A 102 -14.93 -27.61 -14.24
N THR A 103 -14.65 -28.90 -14.05
CA THR A 103 -15.43 -29.94 -14.71
C THR A 103 -16.32 -30.75 -13.76
N ASN A 104 -15.82 -31.02 -12.56
CA ASN A 104 -16.54 -31.83 -11.58
C ASN A 104 -16.23 -31.34 -10.19
N CYS A 105 -17.23 -31.42 -9.31
CA CYS A 105 -17.11 -31.04 -7.90
C CYS A 105 -17.94 -32.05 -7.12
N GLU A 106 -17.32 -32.87 -6.27
CA GLU A 106 -18.07 -33.77 -5.42
C GLU A 106 -17.84 -33.44 -3.96
N GLN A 107 -18.90 -33.08 -3.25
CA GLN A 107 -18.79 -32.71 -1.85
C GLN A 107 -19.45 -33.77 -0.96
N THR A 108 -18.78 -34.12 0.14
CA THR A 108 -19.33 -35.06 1.12
C THR A 108 -19.45 -34.32 2.46
N TYR A 109 -20.60 -34.44 3.10
CA TYR A 109 -20.84 -33.74 4.36
C TYR A 109 -20.95 -34.76 5.49
N HIS A 110 -19.99 -34.74 6.41
CA HIS A 110 -19.98 -35.76 7.46
C HIS A 110 -21.07 -35.51 8.51
N ARG A 111 -21.32 -34.23 8.79
CA ARG A 111 -22.41 -33.81 9.66
C ARG A 111 -22.79 -32.38 9.33
N TYR A 112 -23.88 -31.91 9.92
CA TYR A 112 -24.33 -30.54 9.79
C TYR A 112 -23.58 -29.66 10.79
N LEU A 113 -23.27 -28.44 10.39
CA LEU A 113 -22.58 -27.49 11.27
C LEU A 113 -23.53 -26.54 11.98
N LEU A 114 -23.12 -26.08 13.16
CA LEU A 114 -23.91 -25.15 13.96
C LEU A 114 -23.29 -23.75 13.94
N PRO A 115 -24.14 -22.70 13.95
CA PRO A 115 -23.62 -21.36 14.17
C PRO A 115 -22.66 -21.30 15.36
N GLY A 116 -21.54 -20.63 15.18
CA GLY A 116 -20.52 -20.53 16.21
C GLY A 116 -19.33 -21.43 15.96
N GLU A 117 -19.54 -22.50 15.19
CA GLU A 117 -18.44 -23.40 14.87
C GLU A 117 -17.49 -22.77 13.85
N GLN A 118 -16.20 -22.93 14.09
CA GLN A 118 -15.15 -22.35 13.26
C GLN A 118 -14.53 -23.42 12.35
N VAL A 119 -14.69 -23.26 11.05
CA VAL A 119 -14.19 -24.23 10.08
C VAL A 119 -12.79 -23.86 9.57
N SER A 120 -11.96 -24.86 9.29
CA SER A 120 -10.70 -24.64 8.59
C SER A 120 -10.66 -25.48 7.32
N ILE A 121 -9.80 -25.10 6.38
CA ILE A 121 -9.70 -25.82 5.11
C ILE A 121 -8.26 -26.23 4.83
N SER A 122 -8.08 -27.41 4.24
CA SER A 122 -6.76 -27.91 3.84
C SER A 122 -6.92 -28.52 2.45
N ALA A 123 -5.93 -28.30 1.59
CA ALA A 123 -6.02 -28.78 0.20
C ALA A 123 -4.83 -29.66 -0.13
N GLU A 124 -5.09 -30.74 -0.85
CA GLU A 124 -4.07 -31.70 -1.27
C GLU A 124 -4.25 -31.92 -2.77
N LEU A 125 -3.15 -31.97 -3.51
CA LEU A 125 -3.20 -32.29 -4.93
C LEU A 125 -3.43 -33.80 -5.12
N GLY A 126 -4.35 -34.13 -6.01
CA GLY A 126 -4.59 -35.52 -6.40
C GLY A 126 -4.08 -35.79 -7.80
N ASP A 127 -4.85 -36.55 -8.58
CA ASP A 127 -4.38 -36.93 -9.92
C ASP A 127 -4.19 -35.75 -10.82
N VAL A 128 -3.09 -35.78 -11.55
CA VAL A 128 -2.84 -34.85 -12.64
C VAL A 128 -2.62 -35.69 -13.89
N VAL A 129 -3.51 -35.53 -14.87
CA VAL A 129 -3.59 -36.45 -15.99
C VAL A 129 -3.55 -35.69 -17.30
N GLY A 130 -2.72 -36.16 -18.24
CA GLY A 130 -2.59 -35.48 -19.52
C GLY A 130 -1.27 -35.78 -20.22
N PRO A 131 -1.08 -35.20 -21.40
CA PRO A 131 -2.05 -34.33 -22.07
C PRO A 131 -3.19 -35.12 -22.72
N LYS A 132 -4.40 -34.56 -22.67
CA LYS A 132 -5.57 -35.17 -23.28
C LYS A 132 -6.13 -34.25 -24.36
N GLN A 133 -6.65 -34.86 -25.43
CA GLN A 133 -7.44 -34.11 -26.39
C GLN A 133 -8.84 -33.96 -25.83
N THR A 134 -9.30 -32.71 -25.72
CA THR A 134 -10.63 -32.45 -25.20
C THR A 134 -11.38 -31.56 -26.19
N ALA A 135 -12.68 -31.39 -25.98
CA ALA A 135 -13.50 -30.56 -26.85
C ALA A 135 -13.13 -29.08 -26.76
N LEU A 136 -12.34 -28.72 -25.75
CA LEU A 136 -11.91 -27.35 -25.57
C LEU A 136 -10.48 -27.13 -26.02
N GLY A 137 -9.81 -28.22 -26.41
CA GLY A 137 -8.42 -28.17 -26.81
C GLY A 137 -7.56 -29.15 -26.02
N GLU A 138 -6.28 -29.23 -26.35
CA GLU A 138 -5.37 -30.08 -25.59
C GLU A 138 -5.28 -29.55 -24.16
N GLY A 139 -5.34 -30.46 -23.20
CA GLY A 139 -5.29 -30.03 -21.80
C GLY A 139 -4.88 -31.09 -20.81
N TRP A 140 -4.76 -30.66 -19.56
CA TRP A 140 -4.45 -31.56 -18.45
C TRP A 140 -5.53 -31.43 -17.40
N PHE A 141 -5.96 -32.56 -16.84
CA PHE A 141 -6.92 -32.50 -15.75
C PHE A 141 -6.19 -32.52 -14.42
N ILE A 142 -6.65 -31.70 -13.49
CA ILE A 142 -6.03 -31.57 -12.17
C ILE A 142 -7.10 -31.78 -11.10
N ASN A 143 -6.89 -32.79 -10.25
CA ASN A 143 -7.76 -33.06 -9.13
C ASN A 143 -7.18 -32.56 -7.81
N GLN A 144 -8.05 -32.11 -6.93
CA GLN A 144 -7.66 -31.75 -5.56
C GLN A 144 -8.58 -32.41 -4.56
N HIS A 145 -8.05 -32.82 -3.41
CA HIS A 145 -8.87 -33.27 -2.30
C HIS A 145 -8.82 -32.21 -1.21
N ILE A 146 -9.97 -31.62 -0.94
CA ILE A 146 -10.12 -30.57 0.07
C ILE A 146 -10.79 -31.19 1.27
N VAL A 147 -10.29 -30.86 2.46
CA VAL A 147 -10.92 -31.32 3.70
C VAL A 147 -11.20 -30.13 4.62
N TRP A 148 -12.41 -30.08 5.16
CA TRP A 148 -12.76 -29.07 6.16
C TRP A 148 -12.84 -29.72 7.53
N GLN A 149 -12.36 -28.99 8.52
CA GLN A 149 -12.36 -29.44 9.90
C GLN A 149 -12.97 -28.40 10.83
N VAL A 150 -13.50 -28.88 11.94
CA VAL A 150 -13.79 -28.02 13.08
C VAL A 150 -12.89 -28.57 14.17
N GLY A 151 -11.88 -27.79 14.56
CA GLY A 151 -10.83 -28.32 15.40
C GLY A 151 -10.10 -29.43 14.66
N ASP A 152 -9.99 -30.60 15.29
CA ASP A 152 -9.35 -31.75 14.66
C ASP A 152 -10.36 -32.72 14.03
N GLU A 153 -11.62 -32.31 13.96
CA GLU A 153 -12.68 -33.19 13.47
C GLU A 153 -12.99 -32.89 12.01
N ASP A 154 -12.86 -33.91 11.15
CA ASP A 154 -13.25 -33.72 9.75
C ASP A 154 -14.76 -33.59 9.65
N VAL A 155 -15.23 -32.52 9.01
CA VAL A 155 -16.67 -32.30 8.91
C VAL A 155 -17.19 -32.34 7.47
N ALA A 156 -16.31 -32.16 6.50
CA ALA A 156 -16.71 -32.23 5.09
C ALA A 156 -15.49 -32.43 4.23
N GLU A 157 -15.70 -32.85 2.99
CA GLU A 157 -14.59 -32.98 2.06
C GLU A 157 -15.07 -32.78 0.65
N MET A 158 -14.13 -32.51 -0.24
CA MET A 158 -14.48 -32.25 -1.64
C MET A 158 -13.41 -32.79 -2.56
N ASN A 159 -13.85 -33.40 -3.65
CA ASN A 159 -12.97 -33.72 -4.76
C ASN A 159 -13.32 -32.72 -5.85
N TRP A 160 -12.33 -31.92 -6.25
CA TRP A 160 -12.51 -30.80 -7.18
C TRP A 160 -11.66 -31.10 -8.41
N ARG A 161 -12.23 -31.01 -9.60
CA ARG A 161 -11.47 -31.30 -10.80
C ARG A 161 -11.57 -30.16 -11.79
N ILE A 162 -10.41 -29.72 -12.29
CA ILE A 162 -10.38 -28.69 -13.31
C ILE A 162 -9.60 -29.17 -14.52
N LEU A 163 -9.82 -28.47 -15.63
CA LEU A 163 -9.10 -28.71 -16.86
C LEU A 163 -8.33 -27.45 -17.24
N LYS A 164 -7.01 -27.55 -17.35
CA LYS A 164 -6.22 -26.46 -17.91
C LYS A 164 -5.93 -26.81 -19.36
N PHE A 165 -6.28 -25.90 -20.27
CA PHE A 165 -6.25 -26.24 -21.69
C PHE A 165 -5.64 -25.13 -22.53
N LYS A 166 -5.20 -25.50 -23.72
CA LYS A 166 -4.72 -24.55 -24.72
C LYS A 166 -5.92 -24.02 -25.50
N PRO A 167 -6.16 -22.71 -25.43
CA PRO A 167 -7.27 -22.09 -26.17
C PRO A 167 -7.05 -22.21 -27.68
N ALA A 168 -8.10 -21.96 -28.47
CA ALA A 168 -8.06 -22.17 -29.92
C ALA A 168 -6.87 -21.48 -30.60
N GLY A 169 -6.55 -20.27 -30.16
CA GLY A 169 -5.41 -19.55 -30.70
C GLY A 169 -4.19 -19.61 -29.78
N SER A 170 -3.60 -20.79 -29.67
CA SER A 170 -2.40 -20.96 -28.86
C SER A 170 -1.28 -21.64 -29.65
N MET B 1 -39.46 -45.89 2.96
CA MET B 1 -38.56 -45.83 1.81
C MET B 1 -39.26 -45.46 0.51
N THR B 2 -38.78 -44.38 -0.12
CA THR B 2 -39.08 -44.08 -1.51
C THR B 2 -38.53 -45.22 -2.38
N VAL B 3 -38.74 -45.18 -3.70
CA VAL B 3 -38.27 -46.27 -4.54
C VAL B 3 -37.53 -45.79 -5.79
N VAL B 4 -36.73 -46.68 -6.37
CA VAL B 4 -36.02 -46.38 -7.62
C VAL B 4 -37.03 -46.04 -8.71
N GLY B 5 -36.80 -44.93 -9.41
CA GLY B 5 -37.69 -44.51 -10.48
C GLY B 5 -38.67 -43.43 -10.08
N ALA B 6 -38.79 -43.20 -8.77
CA ALA B 6 -39.60 -42.09 -8.28
C ALA B 6 -39.09 -40.78 -8.86
N VAL B 7 -40.00 -39.93 -9.31
CA VAL B 7 -39.61 -38.66 -9.89
C VAL B 7 -39.92 -37.49 -8.97
N LEU B 8 -39.08 -36.46 -9.05
CA LEU B 8 -39.26 -35.26 -8.24
C LEU B 8 -40.08 -34.24 -9.02
N PRO B 9 -40.80 -33.36 -8.32
CA PRO B 9 -41.52 -32.28 -9.00
C PRO B 9 -40.52 -31.41 -9.73
N GLU B 10 -40.90 -30.88 -10.89
CA GLU B 10 -39.99 -29.98 -11.59
C GLU B 10 -39.87 -28.65 -10.87
N LEU B 11 -38.71 -28.03 -11.02
CA LEU B 11 -38.49 -26.67 -10.55
C LEU B 11 -37.88 -25.86 -11.69
N LYS B 12 -38.55 -24.77 -12.05
CA LYS B 12 -38.06 -23.86 -13.07
C LYS B 12 -37.61 -22.56 -12.43
N LEU B 13 -36.41 -22.12 -12.77
CA LEU B 13 -35.85 -20.90 -12.20
C LEU B 13 -35.36 -19.97 -13.29
N TYR B 14 -35.85 -18.74 -13.26
CA TYR B 14 -35.43 -17.70 -14.18
C TYR B 14 -34.14 -17.02 -13.71
N GLY B 15 -33.11 -17.07 -14.54
CA GLY B 15 -31.83 -16.47 -14.21
C GLY B 15 -31.76 -14.99 -14.52
N ASP B 16 -32.57 -14.18 -13.84
CA ASP B 16 -32.43 -12.73 -14.00
C ASP B 16 -31.11 -12.26 -13.37
N PRO B 17 -30.61 -11.11 -13.81
CA PRO B 17 -29.31 -10.64 -13.29
C PRO B 17 -29.31 -10.55 -11.77
N THR B 18 -30.39 -10.12 -11.13
CA THR B 18 -30.41 -10.09 -9.66
C THR B 18 -30.17 -11.46 -9.05
N PHE B 19 -30.77 -12.51 -9.61
CA PHE B 19 -30.56 -13.86 -9.11
C PHE B 19 -29.08 -14.25 -9.23
N ILE B 20 -28.51 -14.03 -10.40
CA ILE B 20 -27.13 -14.43 -10.65
C ILE B 20 -26.16 -13.71 -9.74
N VAL B 21 -26.30 -12.39 -9.65
CA VAL B 21 -25.41 -11.58 -8.82
C VAL B 21 -25.57 -11.88 -7.34
N SER B 22 -26.81 -11.90 -6.85
CA SER B 22 -27.05 -12.08 -5.43
C SER B 22 -26.61 -13.46 -4.94
N THR B 23 -26.82 -14.50 -5.74
CA THR B 23 -26.38 -15.83 -5.34
C THR B 23 -24.86 -15.91 -5.33
N ALA B 24 -24.21 -15.37 -6.35
CA ALA B 24 -22.75 -15.43 -6.38
C ALA B 24 -22.17 -14.77 -5.15
N LEU B 25 -22.64 -13.56 -4.84
CA LEU B 25 -22.08 -12.84 -3.71
C LEU B 25 -22.47 -13.47 -2.37
N ALA B 26 -23.65 -14.08 -2.29
CA ALA B 26 -24.03 -14.79 -1.06
C ALA B 26 -23.19 -16.05 -0.85
N THR B 27 -22.62 -16.57 -1.93
CA THR B 27 -21.64 -17.66 -1.82
C THR B 27 -20.21 -17.16 -1.67
N ARG B 28 -20.06 -15.85 -1.52
CA ARG B 28 -18.76 -15.18 -1.34
CA ARG B 28 -18.75 -15.21 -1.32
C ARG B 28 -17.80 -15.42 -2.50
N ASP B 29 -18.39 -15.49 -3.69
CA ASP B 29 -17.64 -15.66 -4.92
C ASP B 29 -17.69 -14.33 -5.66
N PHE B 30 -16.54 -13.64 -5.69
CA PHE B 30 -16.46 -12.31 -6.26
C PHE B 30 -15.84 -12.33 -7.64
N GLN B 31 -15.78 -13.52 -8.25
CA GLN B 31 -15.26 -13.62 -9.61
C GLN B 31 -16.07 -12.73 -10.54
N ASP B 32 -15.38 -11.95 -11.37
CA ASP B 32 -16.05 -10.93 -12.16
C ASP B 32 -17.11 -11.48 -13.11
N VAL B 33 -16.92 -12.71 -13.59
CA VAL B 33 -17.85 -13.29 -14.55
C VAL B 33 -19.28 -13.49 -14.02
N HIS B 34 -19.49 -13.44 -12.70
CA HIS B 34 -20.84 -13.59 -12.18
C HIS B 34 -21.58 -12.29 -11.90
N HIS B 35 -20.92 -11.16 -12.10
CA HIS B 35 -21.61 -9.89 -11.83
C HIS B 35 -21.18 -8.74 -12.73
N ASP B 36 -20.23 -8.98 -13.62
CA ASP B 36 -19.71 -7.93 -14.47
C ASP B 36 -19.82 -8.43 -15.91
N ARG B 37 -20.83 -7.94 -16.63
CA ARG B 37 -21.08 -8.38 -17.99
C ARG B 37 -19.88 -8.13 -18.89
N ASP B 38 -19.27 -6.96 -18.74
CA ASP B 38 -18.16 -6.61 -19.63
C ASP B 38 -17.01 -7.58 -19.46
N LYS B 39 -16.75 -8.00 -18.22
CA LYS B 39 -15.69 -8.96 -17.97
C LYS B 39 -16.03 -10.38 -18.43
N ALA B 40 -17.30 -10.77 -18.31
CA ALA B 40 -17.73 -12.06 -18.84
C ALA B 40 -17.53 -12.07 -20.36
N VAL B 41 -17.98 -11.00 -21.02
CA VAL B 41 -17.89 -10.89 -22.47
C VAL B 41 -16.42 -10.78 -22.89
N ALA B 42 -15.63 -10.07 -22.08
CA ALA B 42 -14.21 -9.90 -22.35
C ALA B 42 -13.50 -11.23 -22.47
N GLN B 43 -13.91 -12.21 -21.65
CA GLN B 43 -13.28 -13.53 -21.63
C GLN B 43 -13.89 -14.49 -22.66
N GLY B 44 -14.84 -14.00 -23.46
CA GLY B 44 -15.42 -14.81 -24.51
C GLY B 44 -16.75 -15.45 -24.14
N SER B 45 -17.28 -15.10 -22.97
CA SER B 45 -18.59 -15.62 -22.57
C SER B 45 -19.70 -14.72 -23.12
N LYS B 46 -20.93 -15.21 -23.10
CA LYS B 46 -22.03 -14.45 -23.69
CA LYS B 46 -22.06 -14.48 -23.67
C LYS B 46 -22.53 -13.32 -22.79
N ASP B 47 -22.49 -13.55 -21.47
CA ASP B 47 -23.02 -12.63 -20.48
C ASP B 47 -22.59 -13.18 -19.13
N ILE B 48 -22.99 -12.53 -18.05
CA ILE B 48 -22.77 -13.11 -16.73
C ILE B 48 -23.48 -14.46 -16.61
N PHE B 49 -22.95 -15.31 -15.73
CA PHE B 49 -23.47 -16.67 -15.58
C PHE B 49 -23.40 -17.16 -14.13
N VAL B 50 -24.27 -18.10 -13.81
CA VAL B 50 -24.39 -18.63 -12.45
C VAL B 50 -23.14 -19.41 -12.06
N ASN B 51 -22.69 -19.20 -10.82
CA ASN B 51 -21.50 -19.90 -10.35
C ASN B 51 -21.76 -21.31 -9.80
N ILE B 52 -20.69 -22.01 -9.54
CA ILE B 52 -20.76 -23.40 -9.16
C ILE B 52 -21.34 -23.59 -7.76
N LEU B 53 -20.99 -22.71 -6.81
CA LEU B 53 -21.53 -22.84 -5.46
CA LEU B 53 -21.53 -22.83 -5.46
C LEU B 53 -23.04 -22.64 -5.44
N THR B 54 -23.56 -21.82 -6.36
CA THR B 54 -25.00 -21.65 -6.47
C THR B 54 -25.62 -22.91 -7.02
N ASP B 55 -24.99 -23.53 -8.02
CA ASP B 55 -25.45 -24.85 -8.50
C ASP B 55 -25.59 -25.85 -7.36
N THR B 56 -24.56 -25.93 -6.51
CA THR B 56 -24.58 -26.85 -5.38
C THR B 56 -25.76 -26.55 -4.45
N GLY B 57 -25.97 -25.28 -4.14
CA GLY B 57 -27.07 -24.88 -3.28
C GLY B 57 -28.45 -25.14 -3.87
N LEU B 58 -28.57 -24.93 -5.18
CA LEU B 58 -29.86 -25.14 -5.85
C LEU B 58 -30.18 -26.62 -5.93
N VAL B 59 -29.17 -27.43 -6.21
CA VAL B 59 -29.36 -28.88 -6.22
C VAL B 59 -29.80 -29.35 -4.84
N GLN B 60 -29.17 -28.81 -3.80
CA GLN B 60 -29.56 -29.14 -2.42
C GLN B 60 -31.02 -28.76 -2.15
N ARG B 61 -31.37 -27.52 -2.50
CA ARG B 61 -32.72 -27.01 -2.34
C ARG B 61 -33.76 -27.85 -3.05
N TYR B 62 -33.46 -28.20 -4.31
CA TYR B 62 -34.36 -29.00 -5.14
C TYR B 62 -34.69 -30.32 -4.46
N VAL B 63 -33.67 -30.97 -3.92
CA VAL B 63 -33.86 -32.26 -3.27
C VAL B 63 -34.58 -32.17 -1.93
N THR B 64 -34.22 -31.18 -1.11
CA THR B 64 -34.88 -31.01 0.19
C THR B 64 -36.31 -30.45 0.07
N ASP B 65 -36.57 -29.71 -1.00
CA ASP B 65 -37.93 -29.26 -1.29
C ASP B 65 -38.84 -30.49 -1.36
N TRP B 66 -38.31 -31.55 -1.95
CA TRP B 66 -39.04 -32.80 -2.15
C TRP B 66 -39.01 -33.69 -0.92
N ALA B 67 -37.83 -33.84 -0.32
CA ALA B 67 -37.67 -34.80 0.77
C ALA B 67 -38.10 -34.25 2.12
N GLY B 68 -38.10 -32.93 2.25
CA GLY B 68 -38.57 -32.29 3.47
C GLY B 68 -37.46 -31.87 4.41
N PRO B 69 -37.82 -31.14 5.48
CA PRO B 69 -36.81 -30.59 6.41
C PRO B 69 -36.03 -31.63 7.21
N SER B 70 -36.57 -32.83 7.38
CA SER B 70 -35.85 -33.88 8.10
C SER B 70 -34.83 -34.62 7.25
N ALA B 71 -34.79 -34.33 5.95
CA ALA B 71 -33.79 -34.95 5.09
C ALA B 71 -32.38 -34.57 5.53
N LEU B 72 -31.46 -35.54 5.51
CA LEU B 72 -30.07 -35.26 5.80
C LEU B 72 -29.23 -35.46 4.55
N ILE B 73 -28.71 -34.37 4.02
CA ILE B 73 -27.87 -34.45 2.82
C ILE B 73 -26.48 -34.97 3.15
N LYS B 74 -26.08 -36.05 2.48
CA LYS B 74 -24.81 -36.71 2.77
C LYS B 74 -23.74 -36.35 1.74
N SER B 75 -24.15 -36.11 0.51
CA SER B 75 -23.19 -35.73 -0.52
C SER B 75 -23.89 -35.12 -1.71
N ILE B 76 -23.17 -34.23 -2.40
CA ILE B 76 -23.63 -33.67 -3.66
C ILE B 76 -22.47 -33.70 -4.66
N GLY B 77 -22.65 -34.41 -5.77
CA GLY B 77 -21.63 -34.47 -6.79
C GLY B 77 -22.15 -33.79 -8.04
N LEU B 78 -21.36 -32.90 -8.63
CA LEU B 78 -21.78 -32.17 -9.82
C LEU B 78 -20.88 -32.44 -10.99
N ARG B 79 -21.48 -32.66 -12.15
CA ARG B 79 -20.76 -32.60 -13.42
C ARG B 79 -21.24 -31.35 -14.14
N LEU B 80 -20.32 -30.41 -14.35
CA LEU B 80 -20.67 -29.11 -14.90
C LEU B 80 -20.87 -29.17 -16.41
N GLY B 81 -21.90 -28.51 -16.91
CA GLY B 81 -22.22 -28.52 -18.32
C GLY B 81 -22.20 -27.14 -18.96
N VAL B 82 -23.20 -26.85 -19.78
CA VAL B 82 -23.28 -25.56 -20.46
C VAL B 82 -23.58 -24.44 -19.46
N PRO B 83 -23.20 -23.19 -19.80
CA PRO B 83 -23.46 -22.10 -18.85
C PRO B 83 -24.93 -21.78 -18.67
N TRP B 84 -25.25 -21.24 -17.50
CA TRP B 84 -26.55 -20.65 -17.24
C TRP B 84 -26.36 -19.14 -17.25
N TYR B 85 -26.63 -18.53 -18.40
CA TYR B 85 -26.47 -17.11 -18.61
C TYR B 85 -27.69 -16.33 -18.15
N ALA B 86 -27.48 -15.04 -17.86
CA ALA B 86 -28.57 -14.12 -17.58
C ALA B 86 -29.70 -14.30 -18.60
N TYR B 87 -30.91 -14.37 -18.06
CA TYR B 87 -32.17 -14.41 -18.81
C TYR B 87 -32.54 -15.79 -19.32
N ASP B 88 -31.69 -16.78 -19.09
CA ASP B 88 -32.06 -18.15 -19.41
C ASP B 88 -32.76 -18.74 -18.21
N THR B 89 -33.54 -19.77 -18.47
CA THR B 89 -34.28 -20.46 -17.44
C THR B 89 -33.77 -21.89 -17.36
N VAL B 90 -33.43 -22.32 -16.15
CA VAL B 90 -33.05 -23.72 -15.95
C VAL B 90 -34.22 -24.49 -15.35
N THR B 91 -34.49 -25.65 -15.92
CA THR B 91 -35.51 -26.52 -15.38
C THR B 91 -34.81 -27.71 -14.73
N PHE B 92 -35.07 -27.90 -13.44
CA PHE B 92 -34.52 -29.04 -12.74
C PHE B 92 -35.49 -30.20 -12.76
N SER B 93 -34.96 -31.37 -13.08
CA SER B 93 -35.69 -32.61 -13.00
C SER B 93 -34.87 -33.59 -12.15
N GLY B 94 -35.52 -34.59 -11.58
CA GLY B 94 -34.83 -35.53 -10.73
C GLY B 94 -35.52 -36.87 -10.65
N GLU B 95 -34.73 -37.91 -10.44
CA GLU B 95 -35.23 -39.28 -10.37
C GLU B 95 -34.40 -40.03 -9.34
N VAL B 96 -35.05 -40.82 -8.50
CA VAL B 96 -34.34 -41.68 -7.56
C VAL B 96 -33.68 -42.83 -8.34
N THR B 97 -32.38 -42.98 -8.17
CA THR B 97 -31.65 -44.01 -8.92
C THR B 97 -31.18 -45.18 -8.06
N ALA B 98 -31.18 -44.99 -6.75
CA ALA B 98 -30.75 -46.06 -5.85
C ALA B 98 -31.31 -45.89 -4.46
N VAL B 99 -31.60 -47.02 -3.81
CA VAL B 99 -31.94 -47.05 -2.39
C VAL B 99 -31.12 -48.15 -1.72
N ASN B 100 -30.18 -47.76 -0.87
CA ASN B 100 -29.30 -48.71 -0.19
C ASN B 100 -29.29 -48.49 1.31
N ASP B 101 -30.05 -49.30 2.03
CA ASP B 101 -30.14 -49.25 3.48
C ASP B 101 -30.33 -47.83 4.03
N GLY B 102 -31.49 -47.25 3.74
CA GLY B 102 -31.84 -45.94 4.28
C GLY B 102 -31.25 -44.78 3.49
N LEU B 103 -30.22 -45.07 2.70
CA LEU B 103 -29.56 -44.04 1.90
C LEU B 103 -30.14 -43.99 0.49
N ILE B 104 -30.65 -42.82 0.13
CA ILE B 104 -31.29 -42.59 -1.15
C ILE B 104 -30.31 -41.87 -2.08
N THR B 105 -30.22 -42.31 -3.32
CA THR B 105 -29.46 -41.59 -4.33
C THR B 105 -30.41 -40.99 -5.36
N VAL B 106 -30.25 -39.70 -5.62
CA VAL B 106 -31.09 -38.98 -6.57
C VAL B 106 -30.21 -38.40 -7.67
N LYS B 107 -30.58 -38.64 -8.92
CA LYS B 107 -29.94 -37.97 -10.04
C LYS B 107 -30.76 -36.74 -10.44
N VAL B 108 -30.09 -35.59 -10.52
CA VAL B 108 -30.73 -34.33 -10.80
C VAL B 108 -30.11 -33.76 -12.05
N VAL B 109 -30.93 -33.24 -12.96
CA VAL B 109 -30.40 -32.56 -14.13
C VAL B 109 -31.04 -31.20 -14.25
N GLY B 110 -30.23 -30.16 -14.45
CA GLY B 110 -30.76 -28.85 -14.77
C GLY B 110 -30.48 -28.54 -16.22
N ARG B 111 -31.55 -28.26 -16.98
CA ARG B 111 -31.42 -28.02 -18.41
C ARG B 111 -31.87 -26.61 -18.75
N ASN B 112 -31.19 -25.98 -19.69
CA ASN B 112 -31.64 -24.68 -20.20
C ASN B 112 -31.63 -24.69 -21.72
N THR B 113 -31.67 -23.51 -22.32
CA THR B 113 -31.71 -23.39 -23.77
C THR B 113 -30.48 -23.99 -24.45
N LEU B 114 -29.34 -23.97 -23.76
CA LEU B 114 -28.08 -24.43 -24.33
C LEU B 114 -27.82 -25.92 -24.18
N GLY B 115 -28.62 -26.59 -23.35
CA GLY B 115 -28.43 -28.01 -23.09
C GLY B 115 -28.45 -28.32 -21.61
N ASP B 116 -27.68 -29.33 -21.21
CA ASP B 116 -27.59 -29.69 -19.80
C ASP B 116 -26.59 -28.77 -19.11
N HIS B 117 -27.11 -27.95 -18.20
CA HIS B 117 -26.28 -27.04 -17.41
C HIS B 117 -25.53 -27.76 -16.28
N VAL B 118 -26.22 -28.66 -15.60
CA VAL B 118 -25.59 -29.40 -14.50
C VAL B 118 -26.23 -30.78 -14.35
N THR B 119 -25.42 -31.78 -14.07
CA THR B 119 -25.90 -33.11 -13.77
C THR B 119 -25.36 -33.45 -12.41
N ALA B 120 -26.24 -33.83 -11.49
CA ALA B 120 -25.86 -34.00 -10.10
C ALA B 120 -26.30 -35.35 -9.54
N THR B 121 -25.51 -35.86 -8.61
CA THR B 121 -25.85 -37.06 -7.87
C THR B 121 -25.88 -36.67 -6.40
N VAL B 122 -27.03 -36.86 -5.77
CA VAL B 122 -27.21 -36.47 -4.38
C VAL B 122 -27.52 -37.70 -3.54
N GLU B 123 -26.79 -37.89 -2.45
CA GLU B 123 -27.08 -38.95 -1.49
C GLU B 123 -27.67 -38.30 -0.25
N LEU B 124 -28.76 -38.86 0.24
CA LEU B 124 -29.41 -38.35 1.45
C LEU B 124 -30.07 -39.45 2.22
N SER B 125 -30.38 -39.18 3.48
CA SER B 125 -31.29 -40.04 4.21
C SER B 125 -32.63 -39.30 4.35
N MET B 126 -33.72 -40.06 4.47
CA MET B 126 -35.06 -39.48 4.50
C MET B 126 -35.91 -40.08 5.61
N GLY C 1 53.73 -10.19 -21.11
CA GLY C 1 52.31 -9.88 -21.24
C GLY C 1 51.47 -10.61 -20.22
N VAL C 2 51.02 -11.81 -20.59
CA VAL C 2 50.26 -12.65 -19.66
C VAL C 2 51.15 -13.02 -18.47
N SER C 3 52.42 -13.27 -18.75
CA SER C 3 53.40 -13.57 -17.70
C SER C 3 53.68 -12.34 -16.83
N ASP C 4 53.67 -11.17 -17.45
CA ASP C 4 53.87 -9.93 -16.71
C ASP C 4 52.70 -9.69 -15.76
N ILE C 5 51.50 -9.93 -16.26
CA ILE C 5 50.30 -9.77 -15.46
C ILE C 5 50.30 -10.73 -14.27
N GLN C 6 50.62 -12.00 -14.54
CA GLN C 6 50.64 -13.01 -13.49
C GLN C 6 51.66 -12.68 -12.40
N GLU C 7 52.82 -12.16 -12.78
CA GLU C 7 53.84 -11.76 -11.82
C GLU C 7 53.38 -10.59 -10.95
N ALA C 8 52.70 -9.63 -11.57
CA ALA C 8 52.21 -8.47 -10.83
C ALA C 8 51.11 -8.86 -9.86
N VAL C 9 50.25 -9.77 -10.29
CA VAL C 9 49.17 -10.25 -9.43
C VAL C 9 49.75 -10.94 -8.20
N ALA C 10 50.79 -11.74 -8.41
CA ALA C 10 51.44 -12.45 -7.33
C ALA C 10 52.02 -11.51 -6.28
N GLN C 11 52.66 -10.43 -6.72
CA GLN C 11 53.24 -9.48 -5.79
C GLN C 11 52.18 -8.75 -4.97
N ILE C 12 51.04 -8.49 -5.60
CA ILE C 12 49.91 -7.85 -4.91
C ILE C 12 49.33 -8.82 -3.89
N LYS C 13 49.19 -10.08 -4.33
CA LYS C 13 48.71 -11.13 -3.45
C LYS C 13 49.64 -11.33 -2.25
N ALA C 14 50.94 -11.19 -2.48
CA ALA C 14 51.93 -11.42 -1.43
C ALA C 14 51.79 -10.44 -0.26
N ALA C 15 51.20 -9.28 -0.53
CA ALA C 15 51.00 -8.26 0.49
C ALA C 15 49.94 -8.67 1.52
N GLY C 16 49.08 -9.62 1.15
CA GLY C 16 48.10 -10.18 2.06
C GLY C 16 46.83 -9.35 2.12
N PRO C 17 45.89 -9.78 2.97
CA PRO C 17 44.61 -9.07 3.09
C PRO C 17 44.81 -7.67 3.65
N SER C 18 43.87 -6.78 3.35
CA SER C 18 43.92 -5.44 3.91
C SER C 18 43.79 -5.56 5.43
N LYS C 19 44.50 -4.69 6.16
CA LYS C 19 44.37 -4.69 7.61
C LYS C 19 42.94 -4.34 7.99
N PRO C 20 42.39 -5.00 9.02
CA PRO C 20 41.01 -4.74 9.44
C PRO C 20 40.76 -3.24 9.62
N ARG C 21 39.69 -2.77 8.97
CA ARG C 21 39.34 -1.36 8.96
C ARG C 21 37.97 -1.22 9.61
N LEU C 22 37.87 -0.38 10.63
CA LEU C 22 36.59 -0.17 11.32
C LEU C 22 35.63 0.70 10.54
N ALA C 23 34.36 0.31 10.56
CA ALA C 23 33.30 1.13 10.00
C ALA C 23 33.31 2.49 10.66
N ARG C 24 32.78 3.68 9.71
CA ARG C 24 32.89 4.96 10.38
C ARG C 24 32.25 4.94 11.77
N ASP C 25 30.89 4.37 11.59
CA ASP C 25 29.95 4.36 12.71
C ASP C 25 29.65 2.94 13.09
N PRO C 26 29.26 2.74 14.36
CA PRO C 26 28.59 1.49 14.72
C PRO C 26 27.29 1.35 13.91
N VAL C 27 26.79 0.12 13.80
CA VAL C 27 25.44 -0.09 13.28
C VAL C 27 24.53 0.86 14.05
N ASN C 28 23.67 1.56 13.33
CA ASN C 28 22.90 2.61 13.97
C ASN C 28 21.56 2.85 13.32
N GLN C 29 20.60 3.23 14.15
CA GLN C 29 19.23 3.43 13.70
C GLN C 29 19.03 4.53 12.66
N PRO C 30 19.71 5.69 12.79
CA PRO C 30 19.51 6.72 11.78
C PRO C 30 19.85 6.23 10.37
N MET C 31 20.93 5.48 10.23
CA MET C 31 21.29 4.97 8.90
CA MET C 31 21.30 4.99 8.90
C MET C 31 20.41 3.82 8.45
N ILE C 32 19.95 2.99 9.39
CA ILE C 32 18.95 1.99 9.04
C ILE C 32 17.71 2.70 8.51
N ASN C 33 17.30 3.75 9.21
CA ASN C 33 16.13 4.54 8.80
C ASN C 33 16.27 5.11 7.39
N ASN C 34 17.42 5.71 7.09
CA ASN C 34 17.64 6.24 5.75
C ASN C 34 17.54 5.14 4.69
N TRP C 35 18.11 3.98 4.99
CA TRP C 35 18.14 2.84 4.07
C TRP C 35 16.75 2.25 3.83
N VAL C 36 16.02 1.92 4.89
CA VAL C 36 14.67 1.35 4.68
C VAL C 36 13.73 2.34 3.98
N GLU C 37 13.91 3.63 4.22
CA GLU C 37 13.10 4.64 3.55
C GLU C 37 13.35 4.67 2.04
N ALA C 38 14.62 4.64 1.65
CA ALA C 38 14.96 4.72 0.22
C ALA C 38 14.64 3.42 -0.49
N ILE C 39 14.93 2.30 0.16
CA ILE C 39 14.65 0.97 -0.41
C ILE C 39 13.15 0.66 -0.41
N GLY C 40 12.41 1.26 0.52
CA GLY C 40 10.98 1.00 0.62
C GLY C 40 10.68 -0.32 1.30
N ASP C 41 11.63 -0.79 2.11
CA ASP C 41 11.46 -2.03 2.85
C ASP C 41 10.77 -1.74 4.18
N ARG C 42 9.52 -2.16 4.29
CA ARG C 42 8.69 -1.88 5.46
C ARG C 42 8.76 -2.96 6.54
N ASN C 43 9.71 -3.88 6.43
CA ASN C 43 9.86 -4.95 7.41
C ASN C 43 10.01 -4.36 8.82
N PRO C 44 9.06 -4.67 9.72
CA PRO C 44 9.05 -4.03 11.04
C PRO C 44 10.25 -4.35 11.93
N ILE C 45 10.96 -5.44 11.66
CA ILE C 45 12.03 -5.85 12.59
C ILE C 45 13.23 -4.91 12.55
N TYR C 46 13.30 -4.06 11.51
CA TYR C 46 14.40 -3.11 11.38
C TYR C 46 14.12 -1.79 12.08
N VAL C 47 12.88 -1.60 12.55
CA VAL C 47 12.48 -0.31 13.11
C VAL C 47 11.66 -0.40 14.40
N ASP C 48 11.23 -1.60 14.78
CA ASP C 48 10.37 -1.76 15.95
C ASP C 48 10.84 -2.93 16.78
N ASP C 49 11.26 -2.65 18.03
CA ASP C 49 11.85 -3.65 18.91
C ASP C 49 10.87 -4.78 19.21
N ALA C 50 9.60 -4.44 19.41
CA ALA C 50 8.60 -5.43 19.75
C ALA C 50 8.39 -6.41 18.60
N ALA C 51 8.37 -5.88 17.37
CA ALA C 51 8.26 -6.73 16.20
C ALA C 51 9.48 -7.64 16.07
N ALA C 52 10.66 -7.07 16.26
CA ALA C 52 11.87 -7.88 16.17
C ALA C 52 11.89 -8.99 17.22
N ARG C 53 11.45 -8.70 18.44
CA ARG C 53 11.47 -9.73 19.46
C ARG C 53 10.41 -10.81 19.24
N ALA C 54 9.27 -10.40 18.71
CA ALA C 54 8.22 -11.35 18.35
C ALA C 54 8.74 -12.33 17.30
N ALA C 55 9.71 -11.87 16.50
CA ALA C 55 10.34 -12.68 15.47
C ALA C 55 11.58 -13.43 16.00
N GLY C 56 11.85 -13.31 17.29
CA GLY C 56 12.94 -14.07 17.89
C GLY C 56 14.31 -13.40 17.99
N HIS C 57 14.38 -12.10 17.67
CA HIS C 57 15.61 -11.32 17.79
C HIS C 57 15.71 -10.66 19.17
N PRO C 58 16.92 -10.27 19.60
CA PRO C 58 17.05 -9.63 20.93
C PRO C 58 16.41 -8.25 20.99
N GLY C 59 16.16 -7.67 19.82
CA GLY C 59 15.62 -6.32 19.67
C GLY C 59 15.77 -5.95 18.21
N ILE C 60 15.60 -4.68 17.86
CA ILE C 60 15.81 -4.22 16.48
C ILE C 60 17.10 -4.79 15.89
N VAL C 61 17.01 -5.24 14.63
CA VAL C 61 18.17 -5.76 13.93
C VAL C 61 18.40 -4.95 12.66
N ALA C 62 19.64 -4.89 12.22
CA ALA C 62 19.93 -4.28 10.92
C ALA C 62 19.55 -5.20 9.77
N PRO C 63 19.09 -4.62 8.65
CA PRO C 63 18.90 -5.42 7.44
C PRO C 63 20.21 -6.11 7.08
N PRO C 64 20.19 -7.43 6.82
CA PRO C 64 21.40 -8.15 6.44
C PRO C 64 22.14 -7.48 5.27
N ALA C 65 21.38 -7.00 4.28
CA ALA C 65 21.93 -6.41 3.07
C ALA C 65 22.57 -5.03 3.30
N MET C 66 22.49 -4.51 4.52
CA MET C 66 23.25 -3.31 4.86
C MET C 66 24.70 -3.58 5.26
N ILE C 67 25.11 -4.85 5.32
CA ILE C 67 26.46 -5.13 5.85
C ILE C 67 27.58 -4.31 5.17
N GLN C 68 27.57 -4.23 3.84
CA GLN C 68 28.58 -3.48 3.10
C GLN C 68 28.41 -1.98 3.31
N VAL C 69 27.20 -1.52 3.62
CA VAL C 69 26.98 -0.11 3.84
C VAL C 69 27.79 0.47 5.00
N TRP C 70 27.88 -0.30 6.08
CA TRP C 70 28.61 0.18 7.27
C TRP C 70 30.04 0.56 6.97
N THR C 71 30.68 -0.20 6.07
CA THR C 71 32.10 -0.01 5.85
C THR C 71 32.44 0.74 4.56
N MET C 72 31.44 1.29 3.88
CA MET C 72 31.71 2.12 2.71
C MET C 72 32.56 3.32 3.12
N MET C 73 33.52 3.70 2.27
CA MET C 73 34.41 4.82 2.58
C MET C 73 33.70 6.17 2.62
N GLY C 74 32.67 6.30 1.80
CA GLY C 74 31.88 7.52 1.79
C GLY C 74 32.53 8.65 1.02
N LEU C 75 31.97 9.84 1.19
CA LEU C 75 32.34 10.98 0.39
C LEU C 75 33.75 11.45 0.66
N GLY C 76 34.54 11.61 -0.41
CA GLY C 76 35.91 12.06 -0.30
C GLY C 76 36.84 10.99 0.25
N GLY C 77 36.30 9.80 0.48
CA GLY C 77 37.08 8.70 1.02
C GLY C 77 38.10 8.16 0.04
N VAL C 78 39.34 8.04 0.49
CA VAL C 78 40.38 7.44 -0.34
C VAL C 78 40.50 5.96 0.02
N ARG C 79 40.57 5.11 -0.99
CA ARG C 79 40.76 3.68 -0.79
C ARG C 79 42.00 3.46 0.05
N PRO C 80 41.89 2.67 1.12
CA PRO C 80 43.02 2.37 2.01
C PRO C 80 44.24 1.88 1.23
N LYS C 81 45.44 2.17 1.72
CA LYS C 81 46.67 1.88 0.99
C LYS C 81 46.86 0.39 0.72
N ASP C 82 46.25 -0.45 1.54
CA ASP C 82 46.48 -1.89 1.44
C ASP C 82 45.29 -2.68 0.89
N ASP C 83 44.34 -1.97 0.30
CA ASP C 83 43.25 -2.60 -0.41
C ASP C 83 43.77 -3.16 -1.73
N PRO C 84 43.63 -4.48 -1.95
CA PRO C 84 44.22 -5.11 -3.14
C PRO C 84 43.55 -4.67 -4.45
N LEU C 85 42.29 -4.24 -4.39
CA LEU C 85 41.57 -3.84 -5.59
C LEU C 85 42.22 -2.65 -6.31
N GLY C 86 42.80 -1.74 -5.52
CA GLY C 86 43.50 -0.58 -6.06
C GLY C 86 44.55 -0.95 -7.09
N PRO C 87 45.62 -1.64 -6.67
CA PRO C 87 46.70 -2.03 -7.58
C PRO C 87 46.20 -2.90 -8.74
N ILE C 88 45.17 -3.69 -8.49
CA ILE C 88 44.61 -4.55 -9.51
C ILE C 88 43.96 -3.77 -10.65
N ILE C 89 43.15 -2.78 -10.30
CA ILE C 89 42.52 -1.92 -11.30
C ILE C 89 43.57 -1.23 -12.15
N LYS C 90 44.61 -0.71 -11.49
CA LYS C 90 45.67 -0.02 -12.19
C LYS C 90 46.41 -0.97 -13.12
N LEU C 91 46.77 -2.14 -12.62
CA LEU C 91 47.47 -3.15 -13.41
C LEU C 91 46.77 -3.45 -14.73
N PHE C 92 45.47 -3.75 -14.65
CA PHE C 92 44.70 -4.10 -15.84
C PHE C 92 44.39 -2.92 -16.76
N ASP C 93 44.20 -1.74 -16.16
CA ASP C 93 44.06 -0.52 -16.95
C ASP C 93 45.29 -0.32 -17.81
N ASP C 94 46.45 -0.46 -17.19
CA ASP C 94 47.74 -0.26 -17.86
C ASP C 94 47.97 -1.28 -18.98
N ALA C 95 47.33 -2.45 -18.87
CA ALA C 95 47.48 -3.50 -19.88
C ALA C 95 46.46 -3.37 -21.00
N GLY C 96 45.60 -2.35 -20.91
CA GLY C 96 44.63 -2.10 -21.97
C GLY C 96 43.24 -2.60 -21.64
N TYR C 97 43.09 -3.24 -20.49
CA TYR C 97 41.79 -3.76 -20.08
C TYR C 97 41.03 -2.70 -19.29
N ILE C 98 40.65 -1.63 -19.97
CA ILE C 98 40.11 -0.44 -19.31
C ILE C 98 38.61 -0.49 -19.00
N GLY C 99 37.91 -1.46 -19.58
CA GLY C 99 36.51 -1.67 -19.23
C GLY C 99 36.38 -2.40 -17.90
N VAL C 100 35.28 -2.19 -17.21
CA VAL C 100 35.03 -2.94 -15.98
C VAL C 100 33.54 -3.21 -15.81
N VAL C 101 33.21 -4.39 -15.35
CA VAL C 101 31.85 -4.70 -14.96
C VAL C 101 31.88 -5.70 -13.83
N ALA C 102 31.03 -5.50 -12.85
CA ALA C 102 30.86 -6.47 -11.79
C ALA C 102 29.93 -7.55 -12.33
N THR C 103 30.31 -8.82 -12.20
CA THR C 103 29.53 -9.89 -12.81
C THR C 103 28.68 -10.65 -11.80
N ASN C 104 29.24 -10.87 -10.61
CA ASN C 104 28.60 -11.67 -9.56
C ASN C 104 28.96 -11.16 -8.19
N CYS C 105 28.03 -11.28 -7.25
CA CYS C 105 28.25 -10.87 -5.89
C CYS C 105 27.45 -11.83 -5.02
N GLU C 106 28.14 -12.55 -4.13
CA GLU C 106 27.46 -13.43 -3.18
C GLU C 106 27.78 -13.00 -1.76
N GLN C 107 26.74 -12.68 -1.00
CA GLN C 107 26.88 -12.33 0.40
C GLN C 107 26.27 -13.39 1.30
N THR C 108 27.02 -13.78 2.34
CA THR C 108 26.55 -14.73 3.34
C THR C 108 26.48 -14.01 4.69
N TYR C 109 25.38 -14.19 5.40
CA TYR C 109 25.15 -13.49 6.66
C TYR C 109 25.11 -14.50 7.78
N HIS C 110 26.12 -14.49 8.64
CA HIS C 110 26.21 -15.49 9.69
C HIS C 110 25.19 -15.25 10.80
N ARG C 111 24.88 -13.98 11.06
CA ARG C 111 23.81 -13.62 11.98
C ARG C 111 23.38 -12.19 11.69
N TYR C 112 22.29 -11.76 12.32
CA TYR C 112 21.83 -10.38 12.22
C TYR C 112 22.59 -9.50 13.19
N LEU C 113 22.86 -8.26 12.78
CA LEU C 113 23.56 -7.30 13.62
C LEU C 113 22.57 -6.43 14.39
N LEU C 114 23.03 -5.93 15.54
CA LEU C 114 22.24 -5.05 16.39
C LEU C 114 22.83 -3.65 16.40
N PRO C 115 21.97 -2.62 16.48
CA PRO C 115 22.48 -1.26 16.68
C PRO C 115 23.47 -1.19 17.84
N GLY C 116 24.56 -0.47 17.62
CA GLY C 116 25.60 -0.36 18.62
C GLY C 116 26.81 -1.24 18.32
N GLU C 117 26.63 -2.27 17.51
CA GLU C 117 27.74 -3.15 17.16
C GLU C 117 28.66 -2.50 16.15
N GLN C 118 29.97 -2.67 16.36
CA GLN C 118 30.98 -2.04 15.53
C GLN C 118 31.54 -3.07 14.56
N VAL C 119 31.38 -2.81 13.27
CA VAL C 119 31.83 -3.74 12.24
C VAL C 119 33.22 -3.37 11.71
N SER C 120 34.01 -4.38 11.37
CA SER C 120 35.27 -4.17 10.68
C SER C 120 35.29 -4.99 9.40
N ILE C 121 36.07 -4.55 8.43
CA ILE C 121 36.18 -5.21 7.13
C ILE C 121 37.62 -5.54 6.79
N SER C 122 37.84 -6.69 6.16
CA SER C 122 39.11 -7.05 5.56
C SER C 122 38.84 -7.65 4.18
N ALA C 123 39.70 -7.33 3.22
CA ALA C 123 39.55 -7.73 1.81
C ALA C 123 40.78 -8.46 1.31
N GLU C 124 40.57 -9.54 0.56
CA GLU C 124 41.67 -10.32 0.01
C GLU C 124 41.41 -10.66 -1.46
N LEU C 125 42.45 -10.66 -2.26
CA LEU C 125 42.37 -11.03 -3.67
C LEU C 125 42.23 -12.55 -3.80
N GLY C 126 41.29 -12.99 -4.62
CA GLY C 126 41.10 -14.41 -4.88
C GLY C 126 41.64 -14.76 -6.25
N ASP C 127 40.95 -15.64 -6.95
CA ASP C 127 41.41 -16.09 -8.27
C ASP C 127 41.38 -14.96 -9.29
N VAL C 128 42.45 -14.88 -10.08
CA VAL C 128 42.52 -13.94 -11.19
C VAL C 128 42.74 -14.78 -12.43
N VAL C 129 41.73 -14.79 -13.31
CA VAL C 129 41.68 -15.73 -14.41
C VAL C 129 41.62 -15.01 -15.74
N GLY C 130 42.47 -15.42 -16.68
CA GLY C 130 42.49 -14.81 -17.99
C GLY C 130 43.78 -15.09 -18.72
N PRO C 131 43.90 -14.55 -19.95
CA PRO C 131 42.83 -13.82 -20.64
C PRO C 131 41.72 -14.72 -21.18
N LYS C 132 40.50 -14.20 -21.18
CA LYS C 132 39.34 -14.94 -21.66
C LYS C 132 38.62 -14.14 -22.75
N GLN C 133 38.07 -14.85 -23.72
CA GLN C 133 37.21 -14.23 -24.72
C GLN C 133 35.80 -14.13 -24.15
N THR C 134 35.34 -12.90 -23.92
CA THR C 134 34.00 -12.70 -23.38
C THR C 134 33.12 -11.95 -24.40
N ALA C 135 31.83 -11.86 -24.09
CA ALA C 135 30.91 -11.13 -24.94
C ALA C 135 31.26 -9.65 -24.99
N LEU C 136 31.91 -9.17 -23.94
CA LEU C 136 32.31 -7.76 -23.85
C LEU C 136 33.69 -7.51 -24.44
N GLY C 137 34.40 -8.58 -24.76
CA GLY C 137 35.73 -8.49 -25.31
C GLY C 137 36.72 -9.32 -24.51
N GLU C 138 37.99 -9.29 -24.92
CA GLU C 138 39.03 -10.00 -24.18
C GLU C 138 39.15 -9.42 -22.77
N GLY C 139 39.26 -10.29 -21.79
CA GLY C 139 39.32 -9.82 -20.41
C GLY C 139 39.84 -10.81 -19.39
N TRP C 140 39.96 -10.32 -18.16
CA TRP C 140 40.41 -11.11 -17.02
C TRP C 140 39.36 -11.00 -15.92
N PHE C 141 39.05 -12.12 -15.28
CA PHE C 141 38.12 -12.12 -14.17
C PHE C 141 38.89 -12.02 -12.87
N ILE C 142 38.42 -11.16 -11.97
CA ILE C 142 39.09 -10.96 -10.69
C ILE C 142 38.12 -11.21 -9.55
N ASN C 143 38.46 -12.18 -8.69
CA ASN C 143 37.64 -12.48 -7.51
C ASN C 143 38.24 -11.85 -6.25
N GLN C 144 37.36 -11.38 -5.37
CA GLN C 144 37.77 -10.83 -4.07
C GLN C 144 36.95 -11.50 -2.97
N HIS C 145 37.60 -11.80 -1.85
CA HIS C 145 36.90 -12.32 -0.68
C HIS C 145 36.92 -11.26 0.44
N ILE C 146 35.74 -10.84 0.86
CA ILE C 146 35.61 -9.82 1.90
C ILE C 146 35.02 -10.50 3.13
N VAL C 147 35.56 -10.20 4.30
CA VAL C 147 35.00 -10.72 5.54
C VAL C 147 34.73 -9.55 6.49
N TRP C 148 33.55 -9.56 7.09
CA TRP C 148 33.21 -8.59 8.12
C TRP C 148 33.19 -9.26 9.49
N GLN C 149 33.71 -8.54 10.49
CA GLN C 149 33.75 -9.04 11.86
C GLN C 149 33.15 -8.04 12.84
N VAL C 150 32.63 -8.56 13.95
CA VAL C 150 32.35 -7.72 15.13
C VAL C 150 33.25 -8.28 16.21
N GLY C 151 34.24 -7.50 16.62
CA GLY C 151 35.31 -8.03 17.45
C GLY C 151 36.08 -9.06 16.67
N ASP C 152 36.22 -10.27 17.22
CA ASP C 152 36.91 -11.34 16.51
C ASP C 152 35.94 -12.37 15.94
N GLU C 153 34.68 -11.99 15.83
CA GLU C 153 33.64 -12.88 15.34
C GLU C 153 33.29 -12.53 13.91
N ASP C 154 33.40 -13.49 12.99
CA ASP C 154 32.94 -13.28 11.62
C ASP C 154 31.42 -13.17 11.59
N VAL C 155 30.88 -12.10 11.02
CA VAL C 155 29.43 -11.92 11.00
C VAL C 155 28.85 -11.97 9.60
N ALA C 156 29.71 -11.77 8.59
CA ALA C 156 29.27 -11.84 7.20
C ALA C 156 30.48 -11.97 6.30
N GLU C 157 30.25 -12.43 5.08
CA GLU C 157 31.30 -12.38 4.08
C GLU C 157 30.74 -12.21 2.69
N MET C 158 31.62 -11.89 1.75
CA MET C 158 31.21 -11.65 0.38
C MET C 158 32.28 -12.20 -0.54
N ASN C 159 31.85 -12.91 -1.58
CA ASN C 159 32.73 -13.24 -2.67
C ASN C 159 32.21 -12.46 -3.84
N TRP C 160 33.04 -11.65 -4.45
CA TRP C 160 32.56 -10.99 -5.64
C TRP C 160 33.58 -10.95 -6.74
N ARG C 161 33.07 -10.79 -7.94
CA ARG C 161 33.86 -11.01 -9.13
C ARG C 161 33.61 -9.86 -10.06
N ILE C 162 34.69 -9.32 -10.61
CA ILE C 162 34.60 -8.29 -11.63
C ILE C 162 35.32 -8.75 -12.88
N LEU C 163 34.97 -8.14 -14.00
CA LEU C 163 35.66 -8.41 -15.25
C LEU C 163 36.32 -7.13 -15.72
N LYS C 164 37.63 -7.17 -15.94
CA LYS C 164 38.34 -6.08 -16.57
C LYS C 164 38.57 -6.49 -18.02
N PHE C 165 38.11 -5.69 -18.97
CA PHE C 165 38.07 -6.11 -20.37
C PHE C 165 38.49 -5.01 -21.34
N LYS C 166 38.87 -5.44 -22.54
CA LYS C 166 39.16 -4.51 -23.63
C LYS C 166 37.87 -4.24 -24.39
N PRO C 167 37.38 -2.99 -24.34
CA PRO C 167 36.12 -2.68 -25.02
C PRO C 167 36.34 -2.41 -26.51
N ALA C 168 35.28 -2.53 -27.29
CA ALA C 168 35.31 -2.22 -28.71
C ALA C 168 33.92 -1.83 -29.17
N GLY C 169 33.01 -2.81 -29.17
CA GLY C 169 31.61 -2.55 -29.45
C GLY C 169 30.87 -2.29 -28.16
N SER C 170 29.54 -2.20 -28.25
CA SER C 170 28.67 -2.02 -27.08
C SER C 170 28.89 -0.68 -26.36
N PRO C 171 27.89 -0.25 -25.57
CA PRO C 171 28.08 0.93 -24.70
C PRO C 171 28.82 0.54 -23.42
N SER C 172 29.97 -0.10 -23.57
CA SER C 172 30.72 -0.66 -22.44
C SER C 172 31.04 0.38 -21.37
N SER C 173 30.98 -0.05 -20.12
CA SER C 173 31.37 0.82 -19.01
C SER C 173 32.88 0.89 -18.90
N VAL C 174 33.43 2.07 -19.21
CA VAL C 174 34.85 2.31 -19.14
C VAL C 174 35.11 3.54 -18.27
N PRO C 175 35.43 3.32 -17.00
CA PRO C 175 35.67 4.40 -16.03
C PRO C 175 36.74 5.39 -16.48
N ASP C 176 36.49 6.67 -16.20
CA ASP C 176 37.37 7.75 -16.60
C ASP C 176 38.43 8.00 -15.53
N ASP C 177 39.37 7.06 -15.41
CA ASP C 177 40.47 7.17 -14.46
C ASP C 177 41.75 6.70 -15.14
N LEU C 178 41.83 6.96 -16.44
CA LEU C 178 42.84 6.41 -17.36
C LEU C 178 42.55 4.94 -17.67
N MET D 1 4.51 -26.74 2.63
CA MET D 1 4.35 -25.50 3.39
C MET D 1 5.66 -24.81 3.77
N THR D 2 6.28 -24.01 2.89
CA THR D 2 5.81 -23.66 1.55
C THR D 2 6.04 -24.80 0.55
N VAL D 3 5.94 -24.49 -0.74
CA VAL D 3 5.95 -25.54 -1.75
C VAL D 3 6.93 -25.20 -2.85
N VAL D 4 7.70 -26.19 -3.33
CA VAL D 4 8.58 -25.93 -4.45
C VAL D 4 7.74 -25.55 -5.65
N GLY D 5 8.00 -24.36 -6.19
CA GLY D 5 7.23 -23.84 -7.31
C GLY D 5 6.35 -22.67 -6.91
N ALA D 6 6.22 -22.43 -5.60
CA ALA D 6 5.39 -21.31 -5.13
C ALA D 6 5.93 -20.02 -5.75
N VAL D 7 5.03 -19.18 -6.26
CA VAL D 7 5.46 -17.97 -6.93
C VAL D 7 5.26 -16.75 -6.05
N LEU D 8 6.21 -15.83 -6.08
CA LEU D 8 6.11 -14.62 -5.27
C LEU D 8 5.30 -13.56 -6.02
N PRO D 9 4.59 -12.70 -5.29
CA PRO D 9 3.85 -11.59 -5.93
C PRO D 9 4.83 -10.70 -6.70
N GLU D 10 4.42 -10.12 -7.81
CA GLU D 10 5.34 -9.24 -8.52
C GLU D 10 5.54 -7.91 -7.79
N LEU D 11 6.72 -7.32 -8.00
CA LEU D 11 7.02 -6.00 -7.50
C LEU D 11 7.57 -5.20 -8.68
N LYS D 12 6.89 -4.10 -9.02
CA LYS D 12 7.34 -3.22 -10.10
C LYS D 12 7.82 -1.92 -9.50
N LEU D 13 9.02 -1.49 -9.87
CA LEU D 13 9.59 -0.26 -9.34
C LEU D 13 10.05 0.66 -10.48
N TYR D 14 9.61 1.92 -10.43
CA TYR D 14 10.00 2.93 -11.40
C TYR D 14 11.32 3.59 -10.98
N GLY D 15 12.32 3.52 -11.86
CA GLY D 15 13.64 4.07 -11.55
C GLY D 15 13.74 5.54 -11.87
N ASP D 16 12.96 6.38 -11.20
CA ASP D 16 13.12 7.82 -11.42
C ASP D 16 14.42 8.28 -10.76
N PRO D 17 14.93 9.42 -11.19
CA PRO D 17 16.23 9.84 -10.62
C PRO D 17 16.22 9.91 -9.10
N THR D 18 15.12 10.32 -8.48
CA THR D 18 15.09 10.38 -7.03
C THR D 18 15.31 9.00 -6.41
N PHE D 19 14.73 7.97 -7.02
CA PHE D 19 14.92 6.63 -6.50
C PHE D 19 16.38 6.21 -6.63
N ILE D 20 16.96 6.46 -7.80
CA ILE D 20 18.34 6.06 -8.05
C ILE D 20 19.33 6.77 -7.13
N VAL D 21 19.19 8.08 -6.97
CA VAL D 21 20.09 8.88 -6.14
C VAL D 21 19.89 8.56 -4.67
N SER D 22 18.64 8.51 -4.21
CA SER D 22 18.37 8.31 -2.77
C SER D 22 18.83 6.92 -2.30
N THR D 23 18.61 5.90 -3.12
CA THR D 23 19.08 4.57 -2.75
C THR D 23 20.60 4.49 -2.78
N ALA D 24 21.24 5.08 -3.78
CA ALA D 24 22.71 5.03 -3.83
C ALA D 24 23.30 5.67 -2.59
N LEU D 25 22.82 6.86 -2.25
CA LEU D 25 23.41 7.55 -1.12
C LEU D 25 23.03 6.90 0.23
N ALA D 26 21.86 6.27 0.30
CA ALA D 26 21.49 5.56 1.53
C ALA D 26 22.30 4.28 1.71
N THR D 27 22.88 3.79 0.61
CA THR D 27 23.83 2.67 0.72
C THR D 27 25.27 3.19 0.83
N ARG D 28 25.42 4.51 0.99
CA ARG D 28 26.72 5.15 1.16
C ARG D 28 27.68 4.95 -0.04
N ASP D 29 27.07 4.85 -1.21
CA ASP D 29 27.80 4.73 -2.47
C ASP D 29 27.74 6.07 -3.18
N PHE D 30 28.86 6.78 -3.18
CA PHE D 30 28.94 8.11 -3.74
C PHE D 30 29.56 8.11 -5.13
N GLN D 31 29.64 6.93 -5.74
CA GLN D 31 30.15 6.84 -7.12
C GLN D 31 29.34 7.76 -8.03
N ASP D 32 30.03 8.52 -8.88
CA ASP D 32 29.33 9.53 -9.67
CA ASP D 32 29.37 9.51 -9.73
C ASP D 32 28.30 8.92 -10.63
N VAL D 33 28.52 7.69 -11.07
CA VAL D 33 27.59 7.07 -12.02
C VAL D 33 26.16 6.90 -11.49
N HIS D 34 25.94 7.04 -10.18
CA HIS D 34 24.60 6.87 -9.64
C HIS D 34 23.88 8.19 -9.37
N HIS D 35 24.55 9.31 -9.62
CA HIS D 35 23.89 10.60 -9.41
C HIS D 35 24.31 11.73 -10.35
N ASP D 36 25.36 11.52 -11.14
CA ASP D 36 25.89 12.56 -12.01
C ASP D 36 25.80 12.05 -13.45
N ARG D 37 24.77 12.50 -14.18
CA ARG D 37 24.56 12.06 -15.56
C ARG D 37 25.76 12.30 -16.46
N ASP D 38 26.38 13.47 -16.35
CA ASP D 38 27.50 13.83 -17.20
C ASP D 38 28.67 12.86 -17.04
N LYS D 39 28.96 12.47 -15.79
CA LYS D 39 30.00 11.49 -15.52
C LYS D 39 29.61 10.08 -15.95
N ALA D 40 28.34 9.72 -15.78
CA ALA D 40 27.88 8.42 -16.27
C ALA D 40 28.12 8.31 -17.76
N VAL D 41 27.77 9.37 -18.49
CA VAL D 41 27.93 9.39 -19.92
C VAL D 41 29.40 9.37 -20.31
N ALA D 42 30.23 10.12 -19.56
CA ALA D 42 31.65 10.20 -19.88
C ALA D 42 32.31 8.85 -19.70
N GLN D 43 31.69 8.00 -18.89
CA GLN D 43 32.20 6.66 -18.65
C GLN D 43 31.51 5.57 -19.48
N GLY D 44 30.70 5.99 -20.45
CA GLY D 44 30.15 5.05 -21.42
C GLY D 44 28.75 4.55 -21.13
N SER D 45 28.15 5.05 -20.07
CA SER D 45 26.79 4.65 -19.73
C SER D 45 25.78 5.58 -20.38
N LYS D 46 24.53 5.12 -20.48
CA LYS D 46 23.49 5.92 -21.09
C LYS D 46 23.07 7.09 -20.19
N ASP D 47 23.07 6.86 -18.89
CA ASP D 47 22.51 7.78 -17.91
C ASP D 47 22.89 7.21 -16.56
N ILE D 48 22.51 7.88 -15.48
CA ILE D 48 22.74 7.31 -14.16
C ILE D 48 21.99 5.98 -14.02
N PHE D 49 22.50 5.11 -13.14
CA PHE D 49 21.90 3.78 -12.99
C PHE D 49 21.96 3.31 -11.54
N VAL D 50 21.07 2.38 -11.23
CA VAL D 50 20.94 1.83 -9.89
C VAL D 50 22.19 1.01 -9.51
N ASN D 51 22.66 1.22 -8.27
CA ASN D 51 23.85 0.51 -7.82
C ASN D 51 23.60 -0.90 -7.32
N ILE D 52 24.67 -1.65 -7.11
CA ILE D 52 24.59 -3.06 -6.72
C ILE D 52 24.05 -3.25 -5.30
N LEU D 53 24.42 -2.36 -4.38
CA LEU D 53 23.90 -2.48 -3.01
C LEU D 53 22.39 -2.28 -2.96
N THR D 54 21.86 -1.47 -3.87
CA THR D 54 20.42 -1.31 -3.97
C THR D 54 19.78 -2.55 -4.55
N ASP D 55 20.39 -3.15 -5.59
CA ASP D 55 19.94 -4.46 -6.06
C ASP D 55 19.84 -5.46 -4.91
N THR D 56 20.88 -5.54 -4.08
CA THR D 56 20.91 -6.47 -2.96
C THR D 56 19.76 -6.20 -1.97
N GLY D 57 19.59 -4.93 -1.61
CA GLY D 57 18.50 -4.50 -0.73
C GLY D 57 17.13 -4.80 -1.26
N LEU D 58 16.92 -4.54 -2.56
CA LEU D 58 15.63 -4.79 -3.19
C LEU D 58 15.30 -6.28 -3.27
N VAL D 59 16.32 -7.10 -3.56
CA VAL D 59 16.11 -8.54 -3.59
C VAL D 59 15.73 -9.03 -2.18
N GLN D 60 16.39 -8.49 -1.16
CA GLN D 60 16.07 -8.82 0.23
C GLN D 60 14.63 -8.46 0.55
N ARG D 61 14.27 -7.20 0.26
CA ARG D 61 12.93 -6.70 0.45
C ARG D 61 11.88 -7.55 -0.27
N TYR D 62 12.15 -7.85 -1.54
CA TYR D 62 11.22 -8.63 -2.35
C TYR D 62 10.89 -9.97 -1.69
N VAL D 63 11.91 -10.63 -1.18
CA VAL D 63 11.72 -11.94 -0.55
C VAL D 63 11.03 -11.83 0.81
N THR D 64 11.45 -10.87 1.65
CA THR D 64 10.82 -10.73 2.96
C THR D 64 9.43 -10.13 2.92
N ASP D 65 9.11 -9.37 1.87
CA ASP D 65 7.74 -8.90 1.67
C ASP D 65 6.81 -10.13 1.61
N TRP D 66 7.29 -11.18 0.97
CA TRP D 66 6.53 -12.44 0.82
C TRP D 66 6.66 -13.34 2.06
N ALA D 67 7.87 -13.49 2.59
CA ALA D 67 8.11 -14.48 3.64
C ALA D 67 7.66 -13.98 5.02
N GLY D 68 7.77 -12.67 5.22
CA GLY D 68 7.37 -12.06 6.47
C GLY D 68 8.51 -11.76 7.42
N PRO D 69 8.18 -11.17 8.58
CA PRO D 69 9.18 -10.70 9.54
C PRO D 69 9.97 -11.82 10.23
N SER D 70 9.46 -13.04 10.22
CA SER D 70 10.16 -14.16 10.87
C SER D 70 11.22 -14.76 9.95
N ALA D 71 11.25 -14.30 8.70
CA ALA D 71 12.23 -14.80 7.77
C ALA D 71 13.64 -14.46 8.24
N LEU D 72 14.54 -15.44 8.13
CA LEU D 72 15.95 -15.16 8.38
C LEU D 72 16.72 -15.35 7.10
N ILE D 73 17.27 -14.26 6.58
CA ILE D 73 18.04 -14.31 5.34
C ILE D 73 19.42 -14.83 5.62
N LYS D 74 19.82 -15.90 4.92
CA LYS D 74 21.11 -16.53 5.16
C LYS D 74 22.15 -16.12 4.13
N SER D 75 21.71 -15.93 2.90
CA SER D 75 22.60 -15.51 1.83
C SER D 75 21.83 -14.94 0.65
N ILE D 76 22.47 -14.02 -0.04
CA ILE D 76 21.95 -13.45 -1.29
C ILE D 76 23.05 -13.50 -2.33
N GLY D 77 22.81 -14.23 -3.42
CA GLY D 77 23.77 -14.30 -4.51
C GLY D 77 23.20 -13.59 -5.73
N LEU D 78 23.95 -12.66 -6.31
CA LEU D 78 23.49 -11.89 -7.46
C LEU D 78 24.31 -12.20 -8.70
N ARG D 79 23.63 -12.34 -9.83
CA ARG D 79 24.29 -12.32 -11.13
C ARG D 79 23.82 -11.02 -11.78
N LEU D 80 24.76 -10.12 -12.04
CA LEU D 80 24.42 -8.80 -12.53
C LEU D 80 24.26 -8.78 -14.05
N GLY D 81 23.18 -8.17 -14.53
CA GLY D 81 22.89 -8.17 -15.94
C GLY D 81 22.90 -6.78 -16.55
N VAL D 82 21.88 -6.48 -17.35
CA VAL D 82 21.79 -5.18 -18.01
C VAL D 82 21.58 -4.07 -16.96
N PRO D 83 21.97 -2.83 -17.31
CA PRO D 83 21.80 -1.77 -16.31
C PRO D 83 20.35 -1.36 -16.12
N TRP D 84 20.07 -0.80 -14.96
CA TRP D 84 18.79 -0.18 -14.66
C TRP D 84 19.01 1.32 -14.69
N TYR D 85 18.73 1.92 -15.84
CA TYR D 85 18.92 3.35 -16.05
C TYR D 85 17.72 4.16 -15.57
N ALA D 86 17.98 5.44 -15.31
CA ALA D 86 16.89 6.37 -15.01
C ALA D 86 15.76 6.21 -16.02
N TYR D 87 14.55 6.15 -15.46
CA TYR D 87 13.28 6.10 -16.19
C TYR D 87 12.87 4.72 -16.66
N ASP D 88 13.71 3.73 -16.44
CA ASP D 88 13.30 2.37 -16.75
C ASP D 88 12.60 1.79 -15.51
N THR D 89 11.77 0.78 -15.74
CA THR D 89 11.04 0.12 -14.66
C THR D 89 11.53 -1.32 -14.58
N VAL D 90 11.87 -1.76 -13.38
CA VAL D 90 12.21 -3.15 -13.17
C VAL D 90 11.04 -3.88 -12.54
N THR D 91 10.69 -5.03 -13.11
CA THR D 91 9.70 -5.91 -12.52
C THR D 91 10.42 -7.11 -11.92
N PHE D 92 10.19 -7.32 -10.62
CA PHE D 92 10.75 -8.48 -9.95
C PHE D 92 9.75 -9.62 -9.96
N SER D 93 10.24 -10.80 -10.29
CA SER D 93 9.48 -12.02 -10.18
C SER D 93 10.31 -13.01 -9.40
N GLY D 94 9.66 -14.02 -8.82
CA GLY D 94 10.37 -14.97 -7.99
C GLY D 94 9.62 -16.26 -7.77
N GLU D 95 10.35 -17.32 -7.51
CA GLU D 95 9.74 -18.60 -7.22
C GLU D 95 10.61 -19.42 -6.30
N VAL D 96 9.96 -20.24 -5.48
CA VAL D 96 10.67 -21.15 -4.60
C VAL D 96 11.22 -22.30 -5.43
N THR D 97 12.52 -22.52 -5.35
CA THR D 97 13.16 -23.59 -6.12
C THR D 97 13.57 -24.80 -5.27
N ALA D 98 13.64 -24.60 -3.96
CA ALA D 98 13.94 -25.70 -3.05
C ALA D 98 13.36 -25.40 -1.67
N VAL D 99 12.83 -26.44 -1.02
CA VAL D 99 12.33 -26.33 0.36
C VAL D 99 12.60 -27.63 1.06
N ASN D 100 13.25 -27.57 2.21
CA ASN D 100 13.38 -28.76 3.06
C ASN D 100 13.77 -28.39 4.48
N ASP D 101 12.95 -28.83 5.44
CA ASP D 101 13.22 -28.61 6.87
C ASP D 101 13.46 -27.15 7.24
N GLY D 102 12.58 -26.25 6.79
CA GLY D 102 12.65 -24.85 7.15
C GLY D 102 13.57 -24.01 6.28
N LEU D 103 14.43 -24.68 5.52
CA LEU D 103 15.36 -23.99 4.64
C LEU D 103 14.77 -23.85 3.25
N ILE D 104 14.70 -22.62 2.77
CA ILE D 104 14.07 -22.32 1.51
C ILE D 104 15.04 -21.62 0.57
N THR D 105 15.02 -21.99 -0.70
CA THR D 105 15.76 -21.28 -1.74
C THR D 105 14.79 -20.60 -2.68
N VAL D 106 14.99 -19.32 -2.91
CA VAL D 106 14.15 -18.54 -3.81
C VAL D 106 14.99 -17.98 -4.95
N LYS D 107 14.50 -18.16 -6.17
CA LYS D 107 15.14 -17.55 -7.33
C LYS D 107 14.38 -16.29 -7.71
N VAL D 108 15.10 -15.17 -7.82
CA VAL D 108 14.48 -13.90 -8.13
C VAL D 108 15.06 -13.35 -9.42
N VAL D 109 14.22 -12.80 -10.28
CA VAL D 109 14.71 -12.11 -11.47
C VAL D 109 14.09 -10.72 -11.57
N GLY D 110 14.95 -9.71 -11.79
CA GLY D 110 14.49 -8.36 -12.04
C GLY D 110 14.69 -8.03 -13.51
N ARG D 111 13.60 -7.73 -14.20
CA ARG D 111 13.64 -7.48 -15.63
C ARG D 111 13.23 -6.05 -15.95
N ASN D 112 13.88 -5.48 -16.95
CA ASN D 112 13.47 -4.16 -17.45
C ASN D 112 13.42 -4.14 -18.98
N THR D 113 13.39 -2.95 -19.56
CA THR D 113 13.30 -2.80 -21.01
C THR D 113 14.51 -3.40 -21.75
N LEU D 114 15.66 -3.40 -21.08
CA LEU D 114 16.90 -3.89 -21.69
C LEU D 114 17.13 -5.39 -21.54
N GLY D 115 16.33 -6.03 -20.69
CA GLY D 115 16.46 -7.46 -20.45
C GLY D 115 16.53 -7.82 -18.97
N ASP D 116 17.31 -8.84 -18.63
CA ASP D 116 17.45 -9.25 -17.24
C ASP D 116 18.47 -8.36 -16.54
N HIS D 117 17.98 -7.57 -15.59
CA HIS D 117 18.83 -6.65 -14.85
C HIS D 117 19.60 -7.35 -13.72
N VAL D 118 18.94 -8.27 -13.04
CA VAL D 118 19.61 -9.02 -11.97
C VAL D 118 18.92 -10.37 -11.81
N THR D 119 19.70 -11.40 -11.52
CA THR D 119 19.17 -12.72 -11.22
C THR D 119 19.76 -13.09 -9.88
N ALA D 120 18.91 -13.46 -8.94
CA ALA D 120 19.39 -13.73 -7.58
C ALA D 120 18.93 -15.07 -7.04
N THR D 121 19.77 -15.63 -6.17
CA THR D 121 19.43 -16.81 -5.42
C THR D 121 19.47 -16.42 -3.95
N VAL D 122 18.36 -16.61 -3.25
CA VAL D 122 18.27 -16.21 -1.86
C VAL D 122 18.01 -17.44 -1.00
N GLU D 123 18.85 -17.65 0.00
CA GLU D 123 18.61 -18.73 0.96
C GLU D 123 18.07 -18.13 2.24
N LEU D 124 17.00 -18.70 2.77
CA LEU D 124 16.45 -18.20 4.00
C LEU D 124 15.85 -19.32 4.82
N SER D 125 15.56 -19.02 6.07
CA SER D 125 14.72 -19.91 6.88
C SER D 125 13.47 -19.13 7.29
N MET D 126 12.33 -19.82 7.46
CA MET D 126 11.06 -19.11 7.58
C MET D 126 10.04 -19.94 8.35
N ASP E 4 -54.64 13.40 -5.92
CA ASP E 4 -54.62 11.98 -5.60
C ASP E 4 -53.36 11.64 -4.78
N ILE E 5 -52.23 12.18 -5.22
CA ILE E 5 -50.95 11.92 -4.55
C ILE E 5 -50.96 12.47 -3.14
N GLN E 6 -51.37 13.72 -3.00
CA GLN E 6 -51.32 14.35 -1.68
C GLN E 6 -52.33 13.73 -0.71
N GLU E 7 -53.42 13.19 -1.24
CA GLU E 7 -54.37 12.48 -0.38
C GLU E 7 -53.74 11.22 0.20
N ALA E 8 -53.02 10.47 -0.64
CA ALA E 8 -52.31 9.29 -0.18
C ALA E 8 -51.25 9.67 0.85
N VAL E 9 -50.54 10.76 0.58
CA VAL E 9 -49.55 11.25 1.52
C VAL E 9 -50.17 11.58 2.88
N ALA E 10 -51.29 12.31 2.85
CA ALA E 10 -51.97 12.66 4.10
C ALA E 10 -52.39 11.41 4.86
N GLN E 11 -52.93 10.44 4.13
CA GLN E 11 -53.40 9.21 4.76
C GLN E 11 -52.27 8.40 5.40
N ILE E 12 -51.12 8.35 4.74
CA ILE E 12 -49.95 7.69 5.32
C ILE E 12 -49.44 8.44 6.55
N LYS E 13 -49.30 9.76 6.44
CA LYS E 13 -48.86 10.55 7.56
C LYS E 13 -49.79 10.37 8.76
N ALA E 14 -51.09 10.30 8.51
CA ALA E 14 -52.06 10.19 9.58
C ALA E 14 -51.94 8.89 10.36
N ALA E 15 -51.44 7.85 9.69
CA ALA E 15 -51.26 6.56 10.32
C ALA E 15 -50.17 6.60 11.40
N GLY E 16 -49.33 7.63 11.34
CA GLY E 16 -48.26 7.81 12.32
C GLY E 16 -46.98 7.08 11.96
N PRO E 17 -45.94 7.24 12.79
CA PRO E 17 -44.68 6.52 12.55
C PRO E 17 -44.91 5.02 12.56
N SER E 18 -44.13 4.29 11.77
CA SER E 18 -44.29 2.85 11.71
C SER E 18 -43.93 2.22 13.05
N LYS E 19 -44.58 1.11 13.37
CA LYS E 19 -44.27 0.38 14.60
C LYS E 19 -42.84 -0.10 14.53
N PRO E 20 -42.08 0.06 15.63
CA PRO E 20 -40.68 -0.37 15.64
C PRO E 20 -40.52 -1.78 15.07
N ARG E 21 -39.60 -1.91 14.13
CA ARG E 21 -39.31 -3.19 13.49
C ARG E 21 -37.86 -3.58 13.77
N LEU E 22 -37.67 -4.79 14.26
CA LEU E 22 -36.31 -5.28 14.55
C LEU E 22 -35.53 -5.59 13.27
N ALA E 23 -34.26 -5.18 13.26
CA ALA E 23 -33.32 -5.59 12.21
C ALA E 23 -33.27 -7.10 12.13
N ARG E 24 -33.05 -7.61 10.92
CA ARG E 24 -33.00 -9.06 10.70
C ARG E 24 -31.99 -9.74 11.62
N ASP E 25 -30.84 -9.09 11.79
CA ASP E 25 -29.77 -9.62 12.62
C ASP E 25 -29.39 -8.55 13.63
N PRO E 26 -28.86 -8.98 14.78
CA PRO E 26 -28.14 -8.03 15.63
C PRO E 26 -26.93 -7.53 14.87
N VAL E 27 -26.37 -6.41 15.30
CA VAL E 27 -25.10 -5.96 14.78
C VAL E 27 -24.13 -7.13 14.88
N ASN E 28 -23.39 -7.38 13.81
CA ASN E 28 -22.55 -8.58 13.78
C ASN E 28 -21.29 -8.45 12.95
N GLN E 29 -20.25 -9.17 13.38
CA GLN E 29 -18.96 -9.09 12.71
C GLN E 29 -18.95 -9.56 11.25
N PRO E 30 -19.66 -10.66 10.92
CA PRO E 30 -19.62 -11.07 9.51
C PRO E 30 -20.11 -9.97 8.56
N MET E 31 -21.19 -9.28 8.91
CA MET E 31 -21.66 -8.18 8.08
C MET E 31 -20.77 -6.96 8.11
N ILE E 32 -20.17 -6.67 9.26
CA ILE E 32 -19.17 -5.62 9.30
C ILE E 32 -18.04 -5.99 8.35
N ASN E 33 -17.59 -7.23 8.42
CA ASN E 33 -16.50 -7.68 7.55
C ASN E 33 -16.84 -7.51 6.09
N ASN E 34 -18.06 -7.89 5.69
CA ASN E 34 -18.44 -7.74 4.29
C ASN E 34 -18.40 -6.27 3.87
N TRP E 35 -18.87 -5.41 4.75
CA TRP E 35 -18.99 -3.99 4.45
C TRP E 35 -17.62 -3.33 4.38
N VAL E 36 -16.76 -3.54 5.38
CA VAL E 36 -15.45 -2.89 5.32
C VAL E 36 -14.61 -3.40 4.14
N GLU E 37 -14.78 -4.67 3.80
CA GLU E 37 -14.12 -5.27 2.64
C GLU E 37 -14.51 -4.55 1.35
N ALA E 38 -15.81 -4.31 1.18
CA ALA E 38 -16.24 -3.72 -0.10
C ALA E 38 -15.95 -2.23 -0.15
N ILE E 39 -16.19 -1.54 0.97
CA ILE E 39 -15.98 -0.10 1.06
C ILE E 39 -14.49 0.20 1.04
N GLY E 40 -13.67 -0.76 1.48
CA GLY E 40 -12.23 -0.59 1.52
C GLY E 40 -11.75 0.25 2.70
N ASP E 41 -12.55 0.27 3.77
CA ASP E 41 -12.23 1.05 4.95
C ASP E 41 -11.41 0.18 5.90
N ARG E 42 -10.13 0.50 6.02
CA ARG E 42 -9.21 -0.27 6.83
C ARG E 42 -9.13 0.19 8.28
N ASN E 43 -10.09 1.02 8.72
CA ASN E 43 -10.10 1.50 10.11
C ASN E 43 -10.09 0.30 11.04
N PRO E 44 -9.05 0.18 11.87
CA PRO E 44 -8.91 -1.06 12.62
C PRO E 44 -9.96 -1.25 13.72
N ILE E 45 -10.66 -0.18 14.12
CA ILE E 45 -11.60 -0.32 15.22
C ILE E 45 -12.82 -1.18 14.86
N TYR E 46 -13.02 -1.45 13.57
CA TYR E 46 -14.18 -2.24 13.14
C TYR E 46 -13.85 -3.72 13.07
N VAL E 47 -12.57 -4.06 13.20
CA VAL E 47 -12.14 -5.45 13.00
C VAL E 47 -11.15 -5.97 14.05
N ASP E 48 -10.69 -5.12 14.95
CA ASP E 48 -9.67 -5.53 15.92
C ASP E 48 -10.02 -4.94 17.28
N ASP E 49 -10.27 -5.82 18.25
CA ASP E 49 -10.70 -5.36 19.57
C ASP E 49 -9.67 -4.44 20.21
N ALA E 50 -8.38 -4.78 20.05
CA ALA E 50 -7.33 -3.99 20.72
C ALA E 50 -7.24 -2.59 20.15
N ALA E 51 -7.43 -2.48 18.84
CA ALA E 51 -7.41 -1.17 18.21
C ALA E 51 -8.60 -0.36 18.69
N ALA E 52 -9.76 -1.01 18.77
CA ALA E 52 -10.95 -0.33 19.24
C ALA E 52 -10.77 0.17 20.67
N ARG E 53 -10.10 -0.62 21.50
CA ARG E 53 -9.85 -0.18 22.87
C ARG E 53 -8.85 0.97 22.96
N ALA E 54 -7.86 0.99 22.07
CA ALA E 54 -6.90 2.12 22.07
C ALA E 54 -7.60 3.40 21.66
N ALA E 55 -8.74 3.26 21.00
CA ALA E 55 -9.53 4.40 20.59
C ALA E 55 -10.64 4.70 21.59
N GLY E 56 -10.64 4.02 22.73
CA GLY E 56 -11.57 4.34 23.80
C GLY E 56 -12.89 3.58 23.84
N HIS E 57 -13.03 2.59 22.96
CA HIS E 57 -14.24 1.77 22.90
C HIS E 57 -14.07 0.49 23.71
N PRO E 58 -15.18 -0.16 24.07
CA PRO E 58 -15.03 -1.37 24.89
C PRO E 58 -14.46 -2.57 24.13
N GLY E 59 -14.53 -2.49 22.81
CA GLY E 59 -14.13 -3.57 21.94
C GLY E 59 -14.56 -3.11 20.56
N ILE E 60 -14.44 -3.99 19.56
CA ILE E 60 -14.90 -3.67 18.20
C ILE E 60 -16.25 -2.96 18.17
N VAL E 61 -16.32 -1.93 17.35
CA VAL E 61 -17.58 -1.21 17.15
C VAL E 61 -17.95 -1.26 15.67
N ALA E 62 -19.23 -1.07 15.39
CA ALA E 62 -19.69 -1.04 14.00
C ALA E 62 -19.42 0.32 13.38
N PRO E 63 -19.16 0.36 12.07
CA PRO E 63 -19.07 1.66 11.41
C PRO E 63 -20.39 2.40 11.55
N PRO E 64 -20.35 3.68 11.95
CA PRO E 64 -21.61 4.42 12.13
C PRO E 64 -22.48 4.39 10.87
N ALA E 65 -21.85 4.53 9.72
CA ALA E 65 -22.56 4.57 8.44
C ALA E 65 -23.19 3.23 8.04
N MET E 66 -22.95 2.18 8.82
CA MET E 66 -23.71 0.94 8.60
C MET E 66 -25.12 0.94 9.21
N ILE E 67 -25.53 2.04 9.86
CA ILE E 67 -26.80 2.01 10.58
C ILE E 67 -27.99 1.53 9.72
N GLN E 68 -28.07 2.06 8.51
CA GLN E 68 -29.18 1.73 7.63
C GLN E 68 -29.07 0.28 7.13
N VAL E 69 -27.86 -0.26 7.09
CA VAL E 69 -27.64 -1.61 6.59
C VAL E 69 -28.38 -2.65 7.43
N TRP E 70 -28.39 -2.46 8.75
CA TRP E 70 -28.94 -3.49 9.62
C TRP E 70 -30.42 -3.73 9.37
N THR E 71 -31.12 -2.67 8.99
CA THR E 71 -32.58 -2.76 8.88
C THR E 71 -33.07 -2.80 7.44
N MET E 72 -32.17 -2.96 6.50
CA MET E 72 -32.59 -3.15 5.10
C MET E 72 -33.44 -4.43 5.00
N MET E 73 -34.40 -4.43 4.08
CA MET E 73 -35.23 -5.59 3.85
C MET E 73 -34.47 -6.72 3.17
N GLY E 74 -33.55 -6.36 2.29
CA GLY E 74 -32.82 -7.35 1.51
C GLY E 74 -33.74 -8.11 0.55
N LEU E 75 -33.36 -9.32 0.17
CA LEU E 75 -34.19 -10.11 -0.74
C LEU E 75 -35.37 -10.80 -0.06
N GLY E 76 -35.17 -11.25 1.17
CA GLY E 76 -36.17 -12.05 1.85
C GLY E 76 -37.12 -11.28 2.76
N GLY E 77 -36.80 -10.03 3.03
CA GLY E 77 -37.62 -9.21 3.89
C GLY E 77 -38.98 -8.89 3.29
N VAL E 78 -40.03 -9.01 4.11
CA VAL E 78 -41.36 -8.60 3.71
C VAL E 78 -41.74 -7.31 4.46
N ARG E 79 -42.03 -6.26 3.71
CA ARG E 79 -42.36 -4.96 4.30
C ARG E 79 -43.62 -5.07 5.17
N PRO E 80 -43.58 -4.47 6.36
CA PRO E 80 -44.75 -4.47 7.24
C PRO E 80 -45.87 -3.67 6.61
N LYS E 81 -47.10 -3.95 7.02
CA LYS E 81 -48.25 -3.27 6.45
C LYS E 81 -48.24 -1.78 6.75
N ASP E 82 -47.56 -1.37 7.82
CA ASP E 82 -47.53 0.04 8.21
C ASP E 82 -46.30 0.78 7.68
N ASP E 83 -45.58 0.13 6.77
CA ASP E 83 -44.49 0.76 6.05
C ASP E 83 -45.00 2.01 5.33
N PRO E 84 -44.38 3.17 5.61
CA PRO E 84 -44.87 4.42 5.02
C PRO E 84 -44.39 4.68 3.59
N LEU E 85 -43.26 4.10 3.21
CA LEU E 85 -42.63 4.44 1.93
C LEU E 85 -43.13 3.53 0.82
N GLY E 86 -43.29 2.24 1.12
CA GLY E 86 -43.75 1.27 0.14
C GLY E 86 -44.99 1.65 -0.65
N PRO E 87 -46.07 2.06 0.04
CA PRO E 87 -47.28 2.49 -0.68
C PRO E 87 -47.05 3.69 -1.61
N ILE E 88 -46.19 4.62 -1.22
CA ILE E 88 -45.91 5.78 -2.05
C ILE E 88 -45.12 5.38 -3.30
N ILE E 89 -44.11 4.54 -3.10
CA ILE E 89 -43.34 4.00 -4.22
C ILE E 89 -44.24 3.30 -5.23
N LYS E 90 -45.15 2.48 -4.72
CA LYS E 90 -46.08 1.74 -5.57
C LYS E 90 -46.96 2.68 -6.39
N LEU E 91 -47.42 3.76 -5.75
CA LEU E 91 -48.28 4.73 -6.42
C LEU E 91 -47.57 5.33 -7.62
N PHE E 92 -46.32 5.75 -7.41
CA PHE E 92 -45.54 6.33 -8.50
C PHE E 92 -45.20 5.33 -9.59
N ASP E 93 -44.78 4.12 -9.19
CA ASP E 93 -44.53 3.06 -10.16
C ASP E 93 -45.73 2.80 -11.06
N ASP E 94 -46.90 2.67 -10.46
CA ASP E 94 -48.11 2.35 -11.19
C ASP E 94 -48.51 3.48 -12.15
N ALA E 95 -48.07 4.69 -11.83
CA ALA E 95 -48.34 5.86 -12.66
C ALA E 95 -47.24 6.14 -13.70
N GLY E 96 -46.24 5.25 -13.75
CA GLY E 96 -45.22 5.35 -14.77
C GLY E 96 -43.93 6.01 -14.31
N TYR E 97 -43.91 6.49 -13.07
CA TYR E 97 -42.70 7.08 -12.49
C TYR E 97 -41.83 5.98 -11.91
N ILE E 98 -41.33 5.11 -12.79
CA ILE E 98 -40.63 3.91 -12.37
C ILE E 98 -39.16 4.16 -12.07
N GLY E 99 -38.66 5.33 -12.46
CA GLY E 99 -37.30 5.70 -12.16
C GLY E 99 -37.13 6.01 -10.68
N VAL E 100 -35.97 5.71 -10.14
CA VAL E 100 -35.67 6.06 -8.76
C VAL E 100 -34.20 6.44 -8.59
N VAL E 101 -33.95 7.52 -7.85
CA VAL E 101 -32.59 7.85 -7.44
C VAL E 101 -32.68 8.50 -6.06
N ALA E 102 -31.81 8.08 -5.15
CA ALA E 102 -31.70 8.76 -3.86
C ALA E 102 -30.88 10.01 -4.06
N THR E 103 -31.26 11.11 -3.41
CA THR E 103 -30.64 12.39 -3.72
C THR E 103 -29.96 13.09 -2.55
N ASN E 104 -30.41 12.81 -1.33
CA ASN E 104 -29.86 13.47 -0.14
C ASN E 104 -29.97 12.50 1.01
N CYS E 105 -29.00 12.54 1.92
CA CYS E 105 -29.05 11.72 3.11
C CYS E 105 -28.34 12.45 4.23
N GLU E 106 -29.02 12.63 5.36
CA GLU E 106 -28.40 13.22 6.54
C GLU E 106 -28.58 12.27 7.71
N GLN E 107 -27.48 11.79 8.27
CA GLN E 107 -27.55 10.86 9.40
C GLN E 107 -26.82 11.44 10.61
N THR E 108 -27.41 11.27 11.78
CA THR E 108 -26.76 11.63 13.03
C THR E 108 -26.56 10.35 13.84
N TYR E 109 -25.42 10.23 14.51
CA TYR E 109 -25.13 9.01 15.26
C TYR E 109 -24.94 9.39 16.72
N HIS E 110 -25.81 8.90 17.58
CA HIS E 110 -25.73 9.27 18.99
C HIS E 110 -24.53 8.62 19.65
N ARG E 111 -24.26 7.37 19.26
CA ARG E 111 -23.11 6.63 19.77
C ARG E 111 -22.78 5.51 18.79
N TYR E 112 -21.62 4.89 18.98
CA TYR E 112 -21.24 3.72 18.22
C TYR E 112 -21.93 2.48 18.77
N LEU E 113 -22.25 1.54 17.88
CA LEU E 113 -22.91 0.29 18.25
C LEU E 113 -21.92 -0.86 18.38
N LEU E 114 -22.23 -1.81 19.26
CA LEU E 114 -21.38 -2.97 19.47
C LEU E 114 -21.99 -4.21 18.85
N PRO E 115 -21.15 -5.12 18.35
CA PRO E 115 -21.68 -6.43 17.94
C PRO E 115 -22.52 -7.04 19.04
N GLY E 116 -23.66 -7.60 18.65
CA GLY E 116 -24.59 -8.18 19.59
C GLY E 116 -25.79 -7.29 19.89
N GLU E 117 -25.66 -5.99 19.67
CA GLU E 117 -26.78 -5.09 19.92
C GLU E 117 -27.82 -5.23 18.82
N GLN E 118 -29.09 -5.16 19.23
CA GLN E 118 -30.22 -5.36 18.34
C GLN E 118 -30.87 -4.01 18.02
N VAL E 119 -30.79 -3.60 16.76
CA VAL E 119 -31.33 -2.32 16.31
C VAL E 119 -32.79 -2.49 15.91
N SER E 120 -33.60 -1.46 16.16
CA SER E 120 -34.94 -1.40 15.59
C SER E 120 -35.11 -0.11 14.83
N ILE E 121 -36.06 -0.09 13.89
CA ILE E 121 -36.29 1.08 13.07
C ILE E 121 -37.75 1.54 13.12
N SER E 122 -37.95 2.85 13.17
CA SER E 122 -39.28 3.46 13.00
C SER E 122 -39.18 4.56 11.96
N ALA E 123 -40.16 4.63 11.06
CA ALA E 123 -40.07 5.54 9.93
C ALA E 123 -41.34 6.39 9.80
N GLU E 124 -41.16 7.64 9.37
CA GLU E 124 -42.31 8.48 9.10
C GLU E 124 -42.16 9.13 7.73
N LEU E 125 -43.28 9.24 7.02
CA LEU E 125 -43.28 9.84 5.70
C LEU E 125 -43.26 11.34 5.84
N GLY E 126 -42.40 11.98 5.06
CA GLY E 126 -42.32 13.43 5.08
C GLY E 126 -43.09 13.97 3.89
N ASP E 127 -42.77 15.21 3.53
CA ASP E 127 -43.43 15.87 2.41
C ASP E 127 -43.04 15.23 1.09
N VAL E 128 -44.00 15.21 0.17
CA VAL E 128 -43.79 14.71 -1.18
C VAL E 128 -44.02 15.90 -2.09
N VAL E 129 -42.98 16.26 -2.84
CA VAL E 129 -42.94 17.53 -3.53
C VAL E 129 -42.80 17.35 -5.03
N GLY E 130 -43.65 18.03 -5.79
CA GLY E 130 -43.60 17.97 -7.24
C GLY E 130 -44.93 18.37 -7.86
N PRO E 131 -45.08 18.15 -9.18
CA PRO E 131 -44.09 17.55 -10.08
C PRO E 131 -42.98 18.53 -10.39
N LYS E 132 -41.75 18.03 -10.50
CA LYS E 132 -40.61 18.86 -10.82
C LYS E 132 -39.96 18.34 -12.09
N GLN E 133 -39.41 19.25 -12.88
CA GLN E 133 -38.64 18.88 -14.06
C GLN E 133 -37.18 18.70 -13.68
N THR E 134 -36.70 17.47 -13.76
CA THR E 134 -35.32 17.16 -13.41
C THR E 134 -34.56 16.70 -14.64
N ALA E 135 -33.26 16.48 -14.50
CA ALA E 135 -32.42 16.06 -15.61
C ALA E 135 -32.76 14.66 -16.10
N LEU E 136 -33.46 13.90 -15.27
CA LEU E 136 -33.85 12.53 -15.60
C LEU E 136 -35.29 12.47 -16.11
N GLY E 137 -36.00 13.59 -15.96
CA GLY E 137 -37.40 13.66 -16.36
C GLY E 137 -38.25 14.24 -15.25
N GLU E 138 -39.56 14.31 -15.49
CA GLU E 138 -40.50 14.80 -14.50
C GLU E 138 -40.57 13.86 -13.31
N GLY E 139 -40.58 14.42 -12.13
CA GLY E 139 -40.63 13.59 -10.96
C GLY E 139 -41.10 14.28 -9.66
N TRP E 140 -41.09 13.46 -8.62
CA TRP E 140 -41.55 13.88 -7.30
C TRP E 140 -40.48 13.51 -6.30
N PHE E 141 -40.17 14.42 -5.39
CA PHE E 141 -39.23 14.13 -4.32
C PHE E 141 -39.98 13.66 -3.09
N ILE E 142 -39.50 12.58 -2.49
CA ILE E 142 -40.12 11.99 -1.31
C ILE E 142 -39.15 12.10 -0.14
N ASN E 143 -39.56 12.77 0.93
CA ASN E 143 -38.74 12.91 2.12
C ASN E 143 -39.18 11.90 3.16
N GLN E 144 -38.22 11.44 3.95
CA GLN E 144 -38.53 10.47 5.00
C GLN E 144 -37.62 10.71 6.20
N HIS E 145 -38.19 10.61 7.39
CA HIS E 145 -37.44 10.69 8.64
C HIS E 145 -37.46 9.33 9.33
N ILE E 146 -36.28 8.86 9.72
CA ILE E 146 -36.10 7.54 10.30
C ILE E 146 -35.40 7.69 11.64
N VAL E 147 -35.83 6.91 12.63
CA VAL E 147 -35.12 6.83 13.91
C VAL E 147 -34.79 5.37 14.19
N TRP E 148 -33.58 5.13 14.65
CA TRP E 148 -33.15 3.80 15.08
C TRP E 148 -32.98 3.78 16.59
N GLN E 149 -33.38 2.66 17.20
CA GLN E 149 -33.22 2.47 18.63
C GLN E 149 -32.51 1.16 18.94
N VAL E 150 -31.91 1.09 20.12
CA VAL E 150 -31.51 -0.17 20.72
C VAL E 150 -32.26 -0.21 22.04
N GLY E 151 -33.20 -1.13 22.16
CA GLY E 151 -34.15 -1.08 23.24
C GLY E 151 -34.97 0.20 23.12
N ASP E 152 -35.01 1.00 24.18
CA ASP E 152 -35.74 2.25 24.14
C ASP E 152 -34.83 3.47 23.94
N GLU E 153 -33.56 3.21 23.64
CA GLU E 153 -32.56 4.26 23.46
C GLU E 153 -32.42 4.66 22.00
N ASP E 154 -32.66 5.93 21.66
CA ASP E 154 -32.35 6.39 20.30
C ASP E 154 -30.84 6.31 20.05
N VAL E 155 -30.44 5.68 18.94
CA VAL E 155 -29.01 5.56 18.64
C VAL E 155 -28.59 6.25 17.35
N ALA E 156 -29.56 6.57 16.49
CA ALA E 156 -29.27 7.24 15.23
C ALA E 156 -30.54 7.80 14.63
N GLU E 157 -30.39 8.79 13.77
CA GLU E 157 -31.52 9.36 13.03
C GLU E 157 -31.10 9.67 11.62
N MET E 158 -32.07 9.64 10.71
CA MET E 158 -31.82 10.01 9.33
C MET E 158 -32.96 10.83 8.74
N ASN E 159 -32.60 11.86 7.98
CA ASN E 159 -33.54 12.45 7.02
C ASN E 159 -32.98 12.18 5.64
N TRP E 160 -33.80 11.57 4.78
CA TRP E 160 -33.32 11.35 3.42
C TRP E 160 -34.40 11.63 2.39
N ARG E 161 -33.96 11.74 1.15
CA ARG E 161 -34.84 12.20 0.09
C ARG E 161 -34.55 11.36 -1.13
N ILE E 162 -35.64 10.93 -1.76
CA ILE E 162 -35.62 10.07 -2.94
CA ILE E 162 -35.51 10.17 -2.98
C ILE E 162 -36.37 10.79 -4.06
N LEU E 163 -35.93 10.62 -5.29
CA LEU E 163 -36.67 11.09 -6.47
C LEU E 163 -37.30 9.91 -7.19
N LYS E 164 -38.60 9.97 -7.36
CA LYS E 164 -39.30 9.06 -8.27
C LYS E 164 -39.61 9.82 -9.54
N PHE E 165 -39.25 9.27 -10.68
CA PHE E 165 -39.35 10.03 -11.91
C PHE E 165 -39.80 9.18 -13.09
N LYS E 166 -40.40 9.84 -14.08
CA LYS E 166 -40.75 9.20 -15.32
C LYS E 166 -39.55 9.35 -16.27
N PRO E 167 -38.96 8.23 -16.70
CA PRO E 167 -37.78 8.29 -17.57
C PRO E 167 -38.10 9.00 -18.88
N ALA E 168 -37.17 9.82 -19.37
CA ALA E 168 -37.41 10.56 -20.62
C ALA E 168 -37.31 9.66 -21.85
N MET F 1 -2.59 21.97 16.56
CA MET F 1 -3.66 22.94 16.49
C MET F 1 -4.75 22.38 15.56
N THR F 2 -5.70 21.94 15.81
CA THR F 2 -6.65 21.49 14.78
C THR F 2 -7.13 22.68 13.93
N VAL F 3 -6.75 22.70 12.65
CA VAL F 3 -6.80 23.95 11.86
C VAL F 3 -7.95 24.09 10.88
N VAL F 4 -8.69 25.19 10.96
CA VAL F 4 -9.65 25.51 9.92
C VAL F 4 -8.88 25.77 8.62
N GLY F 5 -9.20 25.01 7.58
CA GLY F 5 -8.49 25.12 6.32
C GLY F 5 -7.63 23.91 6.06
N ALA F 6 -7.40 23.09 7.09
CA ALA F 6 -6.62 21.87 6.95
C ALA F 6 -7.13 21.03 5.80
N VAL F 7 -6.20 20.54 4.98
CA VAL F 7 -6.58 19.82 3.78
C VAL F 7 -6.42 18.32 4.00
N LEU F 8 -7.40 17.55 3.55
CA LEU F 8 -7.31 16.11 3.65
C LEU F 8 -6.62 15.59 2.41
N PRO F 9 -5.88 14.47 2.54
CA PRO F 9 -5.21 13.88 1.38
C PRO F 9 -6.25 13.46 0.36
N GLU F 10 -5.88 13.50 -0.91
CA GLU F 10 -6.78 13.12 -1.98
C GLU F 10 -7.02 11.61 -1.94
N LEU F 11 -8.23 11.18 -2.29
CA LEU F 11 -8.50 9.76 -2.49
C LEU F 11 -9.18 9.54 -3.83
N LYS F 12 -8.56 8.75 -4.70
CA LYS F 12 -9.15 8.43 -6.00
C LYS F 12 -9.64 6.98 -6.02
N LEU F 13 -10.91 6.82 -6.37
CA LEU F 13 -11.52 5.49 -6.41
C LEU F 13 -12.10 5.20 -7.79
N TYR F 14 -11.67 4.07 -8.35
CA TYR F 14 -12.17 3.63 -9.66
C TYR F 14 -13.42 2.81 -9.45
N GLY F 15 -14.52 3.30 -9.98
CA GLY F 15 -15.79 2.61 -9.85
C GLY F 15 -15.99 1.53 -10.89
N ASP F 16 -15.20 0.46 -10.80
CA ASP F 16 -15.44 -0.66 -11.70
C ASP F 16 -16.69 -1.41 -11.25
N PRO F 17 -17.25 -2.25 -12.12
CA PRO F 17 -18.50 -2.92 -11.72
C PRO F 17 -18.36 -3.72 -10.43
N THR F 18 -17.23 -4.38 -10.21
CA THR F 18 -17.06 -5.11 -8.96
C THR F 18 -17.22 -4.22 -7.72
N PHE F 19 -16.64 -3.03 -7.79
CA PHE F 19 -16.78 -2.07 -6.70
C PHE F 19 -18.25 -1.68 -6.49
N ILE F 20 -18.93 -1.33 -7.57
CA ILE F 20 -20.30 -0.85 -7.47
C ILE F 20 -21.22 -1.96 -6.96
N VAL F 21 -21.07 -3.16 -7.50
CA VAL F 21 -21.93 -4.29 -7.11
C VAL F 21 -21.64 -4.73 -5.68
N SER F 22 -20.36 -4.92 -5.36
CA SER F 22 -20.01 -5.43 -4.04
C SER F 22 -20.39 -4.45 -2.92
N THR F 23 -20.20 -3.16 -3.15
CA THR F 23 -20.61 -2.18 -2.15
C THR F 23 -22.13 -2.14 -1.99
N ALA F 24 -22.85 -2.13 -3.10
CA ALA F 24 -24.29 -2.12 -3.00
C ALA F 24 -24.78 -3.32 -2.19
N LEU F 25 -24.31 -4.51 -2.51
CA LEU F 25 -24.82 -5.70 -1.81
C LEU F 25 -24.33 -5.78 -0.36
N ALA F 26 -23.14 -5.26 -0.08
CA ALA F 26 -22.66 -5.23 1.30
C ALA F 26 -23.46 -4.22 2.12
N THR F 27 -24.11 -3.26 1.47
CA THR F 27 -25.01 -2.36 2.21
C THR F 27 -26.44 -2.91 2.22
N ARG F 28 -26.59 -4.13 1.71
CA ARG F 28 -27.88 -4.83 1.64
C ARG F 28 -28.94 -4.10 0.80
N ASP F 29 -28.46 -3.41 -0.23
CA ASP F 29 -29.27 -2.72 -1.20
C ASP F 29 -29.29 -3.54 -2.48
N PHE F 30 -30.42 -4.19 -2.71
CA PHE F 30 -30.59 -5.08 -3.85
C PHE F 30 -31.33 -4.45 -4.99
N GLN F 31 -31.46 -3.12 -4.96
CA GLN F 31 -32.16 -2.43 -6.04
C GLN F 31 -31.43 -2.72 -7.35
N ASP F 32 -32.20 -3.10 -8.37
CA ASP F 32 -31.61 -3.56 -9.62
C ASP F 32 -30.61 -2.60 -10.26
N VAL F 33 -30.84 -1.30 -10.12
CA VAL F 33 -30.02 -0.30 -10.80
C VAL F 33 -28.55 -0.29 -10.36
N HIS F 34 -28.21 -0.92 -9.24
CA HIS F 34 -26.82 -0.93 -8.81
C HIS F 34 -26.04 -2.15 -9.27
N HIS F 35 -26.72 -3.12 -9.88
CA HIS F 35 -26.01 -4.33 -10.34
C HIS F 35 -26.54 -4.89 -11.66
N ASP F 36 -27.65 -4.36 -12.16
CA ASP F 36 -28.25 -4.85 -13.40
C ASP F 36 -28.22 -3.70 -14.39
N ARG F 37 -27.28 -3.73 -15.34
CA ARG F 37 -27.15 -2.67 -16.32
C ARG F 37 -28.45 -2.44 -17.09
N ASP F 38 -29.12 -3.54 -17.45
CA ASP F 38 -30.33 -3.42 -18.27
C ASP F 38 -31.43 -2.67 -17.54
N LYS F 39 -31.54 -2.88 -16.23
CA LYS F 39 -32.51 -2.14 -15.42
C LYS F 39 -32.15 -0.67 -15.22
N ALA F 40 -30.86 -0.36 -15.07
CA ALA F 40 -30.43 1.04 -15.01
C ALA F 40 -30.78 1.74 -16.32
N VAL F 41 -30.45 1.09 -17.43
CA VAL F 41 -30.73 1.65 -18.74
C VAL F 41 -32.25 1.86 -18.97
N ALA F 42 -33.05 0.93 -18.44
CA ALA F 42 -34.50 1.02 -18.58
C ALA F 42 -35.09 2.26 -17.91
N GLN F 43 -34.39 2.81 -16.91
CA GLN F 43 -34.83 4.06 -16.31
C GLN F 43 -34.11 5.30 -16.86
N GLY F 44 -33.29 5.11 -17.89
CA GLY F 44 -32.66 6.25 -18.53
C GLY F 44 -31.30 6.57 -17.94
N SER F 45 -30.83 5.70 -17.06
CA SER F 45 -29.50 5.88 -16.48
C SER F 45 -28.50 5.27 -17.47
N LYS F 46 -27.26 5.77 -17.47
CA LYS F 46 -26.29 5.31 -18.46
C LYS F 46 -25.83 3.87 -18.23
N ASP F 47 -25.66 3.52 -16.97
CA ASP F 47 -25.13 2.22 -16.56
C ASP F 47 -25.48 2.05 -15.10
N ILE F 48 -25.04 0.95 -14.50
CA ILE F 48 -25.17 0.80 -13.06
C ILE F 48 -24.43 1.94 -12.36
N PHE F 49 -24.89 2.28 -11.17
CA PHE F 49 -24.31 3.40 -10.44
C PHE F 49 -24.29 3.12 -8.95
N VAL F 50 -23.37 3.80 -8.29
CA VAL F 50 -23.13 3.62 -6.85
C VAL F 50 -24.34 4.08 -6.04
N ASN F 51 -24.68 3.34 -4.98
CA ASN F 51 -25.85 3.67 -4.16
C ASN F 51 -25.51 4.65 -3.04
N ILE F 52 -26.54 5.20 -2.40
CA ILE F 52 -26.29 6.29 -1.44
C ILE F 52 -25.70 5.76 -0.13
N LEU F 53 -25.98 4.52 0.23
CA LEU F 53 -25.40 3.95 1.46
C LEU F 53 -23.89 3.80 1.27
N THR F 54 -23.45 3.51 0.06
CA THR F 54 -22.03 3.44 -0.22
C THR F 54 -21.40 4.84 -0.23
N ASP F 55 -22.08 5.83 -0.80
CA ASP F 55 -21.60 7.22 -0.68
C ASP F 55 -21.37 7.63 0.77
N THR F 56 -22.34 7.32 1.64
CA THR F 56 -22.21 7.64 3.06
C THR F 56 -20.98 6.92 3.67
N GLY F 57 -20.83 5.64 3.35
CA GLY F 57 -19.73 4.85 3.88
C GLY F 57 -18.39 5.36 3.38
N LEU F 58 -18.33 5.76 2.11
CA LEU F 58 -17.08 6.27 1.53
C LEU F 58 -16.70 7.64 2.13
N VAL F 59 -17.69 8.51 2.34
CA VAL F 59 -17.41 9.79 3.00
C VAL F 59 -16.85 9.56 4.41
N GLN F 60 -17.46 8.63 5.13
CA GLN F 60 -16.95 8.22 6.45
C GLN F 60 -15.51 7.75 6.37
N ARG F 61 -15.25 6.81 5.48
CA ARG F 61 -13.89 6.25 5.30
C ARG F 61 -12.90 7.35 4.97
N TYR F 62 -13.27 8.23 4.05
CA TYR F 62 -12.37 9.30 3.62
C TYR F 62 -11.93 10.17 4.81
N VAL F 63 -12.89 10.54 5.65
CA VAL F 63 -12.60 11.38 6.81
C VAL F 63 -11.77 10.64 7.87
N THR F 64 -12.12 9.39 8.15
CA THR F 64 -11.39 8.64 9.18
C THR F 64 -10.00 8.15 8.72
N ASP F 65 -9.83 8.00 7.40
CA ASP F 65 -8.49 7.74 6.85
C ASP F 65 -7.52 8.83 7.30
N TRP F 66 -8.02 10.07 7.32
CA TRP F 66 -7.25 11.24 7.71
C TRP F 66 -7.21 11.43 9.23
N ALA F 67 -8.39 11.32 9.84
CA ALA F 67 -8.55 11.65 11.26
C ALA F 67 -8.00 10.57 12.18
N GLY F 68 -8.03 9.33 11.70
CA GLY F 68 -7.49 8.21 12.45
C GLY F 68 -8.54 7.45 13.24
N PRO F 69 -8.12 6.34 13.85
CA PRO F 69 -9.00 5.42 14.57
C PRO F 69 -9.71 6.02 15.77
N SER F 70 -9.14 7.07 16.39
CA SER F 70 -9.75 7.66 17.57
C SER F 70 -10.88 8.63 17.22
N ALA F 71 -11.04 8.91 15.93
CA ALA F 71 -12.07 9.85 15.50
C ALA F 71 -13.44 9.29 15.81
N LEU F 72 -14.35 10.14 16.28
CA LEU F 72 -15.72 9.74 16.53
C LEU F 72 -16.65 10.52 15.61
N ILE F 73 -17.23 9.83 14.64
CA ILE F 73 -18.16 10.47 13.70
C ILE F 73 -19.51 10.75 14.36
N LYS F 74 -19.97 11.99 14.28
CA LYS F 74 -21.21 12.44 14.93
C LYS F 74 -22.35 12.58 13.93
N SER F 75 -22.02 12.99 12.71
CA SER F 75 -23.05 13.12 11.67
C SER F 75 -22.43 13.20 10.29
N ILE F 76 -23.19 12.74 9.30
CA ILE F 76 -22.79 12.86 7.90
C ILE F 76 -24.00 13.34 7.14
N GLY F 77 -23.88 14.48 6.48
CA GLY F 77 -24.96 14.95 5.63
C GLY F 77 -24.45 15.08 4.22
N LEU F 78 -25.16 14.51 3.25
CA LEU F 78 -24.66 14.64 1.90
C LEU F 78 -25.74 14.89 0.87
N ARG F 79 -25.31 15.46 -0.25
CA ARG F 79 -26.20 15.66 -1.36
C ARG F 79 -25.51 15.16 -2.62
N LEU F 80 -26.27 14.45 -3.45
CA LEU F 80 -25.72 13.89 -4.66
C LEU F 80 -25.90 14.86 -5.82
N GLY F 81 -24.93 14.87 -6.71
CA GLY F 81 -25.00 15.64 -7.93
C GLY F 81 -25.10 14.66 -9.08
N VAL F 82 -24.03 14.53 -9.84
CA VAL F 82 -24.04 13.62 -10.98
C VAL F 82 -23.88 12.19 -10.49
N PRO F 83 -24.36 11.22 -11.26
CA PRO F 83 -24.23 9.82 -10.86
C PRO F 83 -22.77 9.34 -10.92
N TRP F 84 -22.46 8.33 -10.11
CA TRP F 84 -21.19 7.65 -10.21
C TRP F 84 -21.43 6.34 -10.96
N TYR F 85 -21.20 6.39 -12.27
CA TYR F 85 -21.42 5.26 -13.14
C TYR F 85 -20.21 4.34 -13.21
N ALA F 86 -20.45 3.09 -13.60
CA ALA F 86 -19.36 2.17 -13.84
C ALA F 86 -18.30 2.81 -14.73
N TYR F 87 -17.04 2.62 -14.32
CA TYR F 87 -15.82 3.09 -15.00
C TYR F 87 -15.47 4.55 -14.76
N ASP F 88 -16.33 5.27 -14.05
CA ASP F 88 -15.97 6.62 -13.62
C ASP F 88 -15.02 6.50 -12.44
N THR F 89 -14.12 7.47 -12.35
CA THR F 89 -13.28 7.60 -11.19
C THR F 89 -13.71 8.83 -10.42
N VAL F 90 -13.95 8.64 -9.12
CA VAL F 90 -14.30 9.76 -8.25
C VAL F 90 -13.09 10.12 -7.41
N THR F 91 -12.76 11.41 -7.42
CA THR F 91 -11.68 11.94 -6.62
C THR F 91 -12.29 12.70 -5.45
N PHE F 92 -11.97 12.25 -4.24
CA PHE F 92 -12.43 12.90 -3.02
C PHE F 92 -11.42 13.93 -2.56
N SER F 93 -11.91 15.12 -2.25
CA SER F 93 -11.13 16.16 -1.61
C SER F 93 -11.87 16.62 -0.36
N GLY F 94 -11.15 17.19 0.59
CA GLY F 94 -11.77 17.58 1.84
C GLY F 94 -11.02 18.72 2.50
N GLU F 95 -11.74 19.51 3.29
CA GLU F 95 -11.15 20.64 3.99
C GLU F 95 -11.85 20.80 5.33
N VAL F 96 -11.09 21.06 6.39
CA VAL F 96 -11.71 21.39 7.66
C VAL F 96 -12.33 22.77 7.56
N THR F 97 -13.61 22.90 7.90
CA THR F 97 -14.28 24.20 7.79
C THR F 97 -14.65 24.78 9.15
N ALA F 98 -14.58 23.98 10.20
CA ALA F 98 -14.93 24.45 11.53
C ALA F 98 -14.21 23.64 12.58
N VAL F 99 -13.72 24.33 13.61
CA VAL F 99 -13.13 23.68 14.76
C VAL F 99 -13.62 24.40 16.02
N ASN F 100 -14.41 23.71 16.83
CA ASN F 100 -15.02 24.32 18.01
C ASN F 100 -15.03 23.36 19.20
N ASP F 101 -13.98 23.45 20.02
CA ASP F 101 -13.85 22.66 21.25
C ASP F 101 -13.97 21.14 21.01
N GLY F 102 -12.98 20.59 20.32
CA GLY F 102 -12.92 19.16 20.08
C GLY F 102 -13.78 18.70 18.90
N LEU F 103 -14.78 19.49 18.58
CA LEU F 103 -15.74 19.16 17.53
C LEU F 103 -15.33 19.83 16.20
N ILE F 104 -15.14 19.00 15.18
CA ILE F 104 -14.60 19.46 13.91
C ILE F 104 -15.64 19.25 12.84
N THR F 105 -15.72 20.18 11.90
CA THR F 105 -16.54 20.01 10.71
C THR F 105 -15.66 19.93 9.48
N VAL F 106 -15.92 18.93 8.65
CA VAL F 106 -15.16 18.72 7.43
C VAL F 106 -16.09 18.73 6.23
N LYS F 107 -15.75 19.51 5.21
CA LYS F 107 -16.46 19.47 3.94
C LYS F 107 -15.75 18.54 2.99
N VAL F 108 -16.51 17.63 2.38
CA VAL F 108 -15.97 16.64 1.46
C VAL F 108 -16.65 16.79 0.12
N VAL F 109 -15.88 16.74 -0.96
CA VAL F 109 -16.47 16.69 -2.30
C VAL F 109 -15.86 15.55 -3.09
N GLY F 110 -16.71 14.72 -3.68
CA GLY F 110 -16.26 13.68 -4.58
C GLY F 110 -16.63 14.09 -6.00
N ARG F 111 -15.63 14.22 -6.86
CA ARG F 111 -15.86 14.67 -8.23
C ARG F 111 -15.48 13.58 -9.21
N ASN F 112 -16.29 13.41 -10.26
CA ASN F 112 -15.86 12.58 -11.38
C ASN F 112 -15.66 13.47 -12.60
N THR F 113 -15.32 12.89 -13.74
CA THR F 113 -14.90 13.72 -14.86
C THR F 113 -15.98 14.74 -15.28
N LEU F 114 -17.23 14.32 -15.19
CA LEU F 114 -18.37 15.17 -15.54
C LEU F 114 -18.60 16.31 -14.54
N GLY F 115 -18.73 15.97 -13.26
CA GLY F 115 -19.01 17.00 -12.26
C GLY F 115 -18.89 16.51 -10.83
N ASP F 116 -19.53 17.24 -9.92
CA ASP F 116 -19.55 16.85 -8.51
C ASP F 116 -20.56 15.74 -8.30
N HIS F 117 -20.08 14.59 -7.84
CA HIS F 117 -20.93 13.46 -7.57
C HIS F 117 -21.54 13.54 -6.18
N VAL F 118 -20.72 13.92 -5.20
CA VAL F 118 -21.22 14.02 -3.83
C VAL F 118 -20.60 15.22 -3.12
N THR F 119 -21.42 15.91 -2.35
CA THR F 119 -20.96 17.01 -1.51
C THR F 119 -21.46 16.72 -0.11
N ALA F 120 -20.54 16.70 0.85
CA ALA F 120 -20.90 16.24 2.19
C ALA F 120 -20.32 17.11 3.28
N THR F 121 -21.00 17.10 4.41
CA THR F 121 -20.54 17.79 5.61
C THR F 121 -20.48 16.75 6.71
N VAL F 122 -19.32 16.64 7.36
CA VAL F 122 -19.13 15.61 8.38
C VAL F 122 -18.73 16.29 9.69
N GLU F 123 -19.40 15.93 10.77
CA GLU F 123 -19.04 16.44 12.09
C GLU F 123 -18.44 15.29 12.88
N LEU F 124 -17.34 15.55 13.56
CA LEU F 124 -16.66 14.49 14.29
C LEU F 124 -15.91 15.12 15.44
N SER F 125 -15.55 14.28 16.40
CA SER F 125 -14.62 14.69 17.44
C SER F 125 -13.33 13.93 17.20
N MET F 126 -12.20 14.57 17.46
CA MET F 126 -10.92 13.92 17.24
C MET F 126 -10.11 14.06 18.50
N ARG F 127 -9.25 13.08 18.75
CA ARG F 127 -8.46 13.05 19.98
C ARG F 127 -7.01 13.40 19.66
N ILE G 5 -7.68 34.16 0.20
CA ILE G 5 -6.38 33.75 0.73
C ILE G 5 -6.10 34.41 2.07
N GLN G 6 -6.51 35.67 2.21
CA GLN G 6 -6.32 36.40 3.46
C GLN G 6 -7.11 35.75 4.61
N GLU G 7 -8.34 35.34 4.30
CA GLU G 7 -9.21 34.69 5.28
C GLU G 7 -8.62 33.35 5.73
N ALA G 8 -8.06 32.63 4.78
CA ALA G 8 -7.47 31.33 5.07
C ALA G 8 -6.26 31.50 5.98
N VAL G 9 -5.46 32.53 5.73
CA VAL G 9 -4.25 32.79 6.50
C VAL G 9 -4.60 33.12 7.95
N ALA G 10 -5.61 33.96 8.11
CA ALA G 10 -6.06 34.39 9.42
C ALA G 10 -6.50 33.20 10.25
N GLN G 11 -7.24 32.29 9.61
CA GLN G 11 -7.74 31.10 10.28
C GLN G 11 -6.60 30.23 10.79
N ILE G 12 -5.56 30.07 9.97
CA ILE G 12 -4.42 29.26 10.34
C ILE G 12 -3.64 29.92 11.47
N LYS G 13 -3.42 31.23 11.35
CA LYS G 13 -2.71 31.96 12.39
C LYS G 13 -3.42 31.86 13.75
N ALA G 14 -4.75 31.95 13.72
CA ALA G 14 -5.56 31.88 14.92
C ALA G 14 -5.38 30.57 15.69
N ALA G 15 -5.04 29.51 14.98
CA ALA G 15 -4.85 28.20 15.61
C ALA G 15 -3.57 28.12 16.44
N GLY G 16 -2.66 29.06 16.24
CA GLY G 16 -1.40 29.09 16.97
C GLY G 16 -0.37 28.10 16.46
N PRO G 17 0.74 27.95 17.18
CA PRO G 17 1.81 27.02 16.84
C PRO G 17 1.30 25.57 16.68
N SER G 18 1.84 24.87 15.70
CA SER G 18 1.51 23.45 15.53
C SER G 18 1.95 22.65 16.74
N LYS G 19 1.26 21.56 17.04
CA LYS G 19 1.68 20.74 18.16
C LYS G 19 3.09 20.19 17.88
N PRO G 20 3.97 20.24 18.88
CA PRO G 20 5.35 19.79 18.70
C PRO G 20 5.43 18.43 18.02
N ARG G 21 6.27 18.36 16.99
CA ARG G 21 6.50 17.12 16.26
C ARG G 21 7.93 16.70 16.55
N LEU G 22 8.10 15.46 17.02
CA LEU G 22 9.44 14.94 17.28
C LEU G 22 10.23 14.62 16.03
N ALA G 23 11.50 15.00 16.05
CA ALA G 23 12.44 14.59 15.01
C ALA G 23 12.49 13.06 14.91
N ARG G 24 12.68 12.56 13.69
CA ARG G 24 12.73 11.13 13.48
C ARG G 24 13.78 10.47 14.37
N ASP G 25 14.95 11.10 14.46
CA ASP G 25 16.02 10.59 15.30
C ASP G 25 16.44 11.63 16.30
N PRO G 26 17.02 11.20 17.43
CA PRO G 26 17.74 12.17 18.24
C PRO G 26 18.93 12.70 17.44
N VAL G 27 19.47 13.83 17.87
CA VAL G 27 20.75 14.29 17.34
C VAL G 27 21.72 13.12 17.43
N ASN G 28 22.45 12.87 16.34
CA ASN G 28 23.27 11.66 16.28
C ASN G 28 24.50 11.83 15.43
N GLN G 29 25.57 11.14 15.83
CA GLN G 29 26.86 11.24 15.15
C GLN G 29 26.88 10.79 13.68
N PRO G 30 26.18 9.69 13.33
CA PRO G 30 26.19 9.31 11.91
C PRO G 30 25.66 10.41 10.98
N MET G 31 24.60 11.10 11.37
CA MET G 31 24.08 12.18 10.55
CA MET G 31 24.07 12.18 10.56
C MET G 31 24.93 13.43 10.60
N ILE G 32 25.52 13.71 11.76
CA ILE G 32 26.50 14.78 11.81
C ILE G 32 27.64 14.44 10.86
N ASN G 33 28.14 13.22 10.91
CA ASN G 33 29.22 12.81 10.02
C ASN G 33 28.86 12.99 8.54
N ASN G 34 27.66 12.55 8.16
CA ASN G 34 27.25 12.73 6.77
C ASN G 34 27.26 14.21 6.37
N TRP G 35 26.79 15.05 7.27
CA TRP G 35 26.63 16.47 6.99
C TRP G 35 27.99 17.18 6.92
N VAL G 36 28.85 16.99 7.91
CA VAL G 36 30.15 17.67 7.83
C VAL G 36 31.02 17.17 6.67
N GLU G 37 30.88 15.89 6.29
CA GLU G 37 31.60 15.36 5.15
C GLU G 37 31.16 16.02 3.84
N ALA G 38 29.86 16.23 3.69
CA ALA G 38 29.34 16.81 2.46
C ALA G 38 29.59 18.32 2.39
N ILE G 39 29.33 19.02 3.49
CA ILE G 39 29.57 20.45 3.58
C ILE G 39 31.06 20.78 3.53
N GLY G 40 31.89 19.84 3.99
CA GLY G 40 33.32 20.03 4.00
C GLY G 40 33.81 20.86 5.17
N ASP G 41 32.99 20.91 6.23
CA ASP G 41 33.35 21.68 7.42
C ASP G 41 34.24 20.82 8.30
N ARG G 42 35.50 21.21 8.45
CA ARG G 42 36.43 20.40 9.21
C ARG G 42 36.53 20.82 10.68
N ASN G 43 35.59 21.64 11.15
CA ASN G 43 35.58 22.08 12.56
C ASN G 43 35.60 20.86 13.48
N PRO G 44 36.69 20.72 14.27
CA PRO G 44 36.85 19.47 15.02
C PRO G 44 35.84 19.24 16.14
N ILE G 45 35.10 20.27 16.53
CA ILE G 45 34.20 20.12 17.66
C ILE G 45 32.97 19.27 17.32
N TYR G 46 32.73 19.03 16.03
CA TYR G 46 31.58 18.24 15.60
C TYR G 46 31.92 16.75 15.54
N VAL G 47 33.20 16.42 15.62
CA VAL G 47 33.64 15.04 15.42
C VAL G 47 34.64 14.51 16.46
N ASP G 48 35.11 15.37 17.36
CA ASP G 48 36.11 14.95 18.33
C ASP G 48 35.79 15.52 19.70
N ASP G 49 35.57 14.65 20.68
CA ASP G 49 35.19 15.10 22.02
C ASP G 49 36.22 16.06 22.65
N ALA G 50 37.50 15.73 22.53
CA ALA G 50 38.55 16.54 23.15
C ALA G 50 38.58 17.94 22.56
N ALA G 51 38.37 18.04 21.25
CA ALA G 51 38.35 19.35 20.60
C ALA G 51 37.16 20.16 21.10
N ALA G 52 36.00 19.51 21.17
CA ALA G 52 34.82 20.19 21.69
C ALA G 52 35.02 20.67 23.13
N ARG G 53 35.69 19.89 23.95
CA ARG G 53 35.91 20.32 25.33
C ARG G 53 36.88 21.50 25.42
N ALA G 54 37.85 21.55 24.51
CA ALA G 54 38.80 22.66 24.53
C ALA G 54 38.06 23.95 24.14
N ALA G 55 36.95 23.79 23.43
CA ALA G 55 36.11 24.91 23.04
C ALA G 55 35.00 25.16 24.07
N GLY G 56 35.08 24.47 25.20
CA GLY G 56 34.15 24.71 26.29
C GLY G 56 32.85 23.92 26.32
N HIS G 57 32.71 22.97 25.39
CA HIS G 57 31.51 22.14 25.30
C HIS G 57 31.69 20.86 26.12
N PRO G 58 30.58 20.21 26.49
CA PRO G 58 30.69 19.00 27.32
C PRO G 58 31.35 17.82 26.58
N GLY G 59 31.37 17.91 25.25
CA GLY G 59 31.82 16.85 24.38
C GLY G 59 31.32 17.27 23.01
N ILE G 60 31.38 16.35 22.04
CA ILE G 60 30.92 16.65 20.68
C ILE G 60 29.58 17.37 20.65
N VAL G 61 29.48 18.41 19.82
CA VAL G 61 28.23 19.12 19.64
C VAL G 61 27.83 19.05 18.17
N ALA G 62 26.54 19.19 17.93
CA ALA G 62 26.03 19.28 16.56
C ALA G 62 26.29 20.66 15.96
N PRO G 63 26.60 20.71 14.66
CA PRO G 63 26.63 22.04 14.03
C PRO G 63 25.31 22.75 14.20
N PRO G 64 25.35 24.03 14.63
CA PRO G 64 24.10 24.79 14.81
C PRO G 64 23.23 24.75 13.56
N ALA G 65 23.84 24.90 12.39
CA ALA G 65 23.13 24.94 11.12
C ALA G 65 22.47 23.63 10.71
N MET G 66 22.68 22.56 11.48
CA MET G 66 21.95 21.32 11.24
C MET G 66 20.57 21.29 11.87
N ILE G 67 20.17 22.36 12.56
CA ILE G 67 18.92 22.30 13.34
C ILE G 67 17.70 21.86 12.51
N GLN G 68 17.61 22.39 11.30
CA GLN G 68 16.51 22.06 10.40
C GLN G 68 16.59 20.63 9.88
N VAL G 69 17.79 20.10 9.78
CA VAL G 69 18.00 18.74 9.29
C VAL G 69 17.27 17.71 10.14
N TRP G 70 17.31 17.88 11.46
CA TRP G 70 16.77 16.85 12.34
C TRP G 70 15.29 16.61 12.12
N THR G 71 14.58 17.67 11.76
CA THR G 71 13.12 17.59 11.68
C THR G 71 12.59 17.58 10.24
N MET G 72 13.48 17.42 9.27
CA MET G 72 13.03 17.28 7.87
C MET G 72 12.17 16.03 7.75
N MET G 73 11.19 16.10 6.86
CA MET G 73 10.25 14.99 6.67
C MET G 73 10.91 13.79 6.01
N GLY G 74 11.87 14.06 5.12
CA GLY G 74 12.50 12.99 4.38
C GLY G 74 11.61 12.44 3.27
N LEU G 75 12.02 11.32 2.70
CA LEU G 75 11.36 10.74 1.52
C LEU G 75 9.88 10.45 1.71
N GLY G 76 9.04 11.17 0.98
CA GLY G 76 7.61 11.15 1.23
C GLY G 76 7.40 11.82 2.58
N GLY G 77 6.72 11.15 3.50
CA GLY G 77 6.70 11.63 4.87
C GLY G 77 5.42 12.25 5.40
N VAL G 78 4.76 13.06 4.58
CA VAL G 78 3.45 13.65 4.92
C VAL G 78 3.44 14.57 6.15
N ARG G 79 3.04 15.82 5.92
CA ARG G 79 2.92 16.81 6.97
C ARG G 79 1.87 16.40 8.00
N PRO G 80 2.04 16.82 9.27
CA PRO G 80 1.02 16.55 10.28
C PRO G 80 -0.30 17.25 9.95
N LYS G 81 -1.37 16.81 10.58
CA LYS G 81 -2.70 17.33 10.29
C LYS G 81 -2.83 18.83 10.53
N ASP G 82 -1.99 19.34 11.43
CA ASP G 82 -2.01 20.77 11.75
C ASP G 82 -0.83 21.56 11.19
N ASP G 83 -0.20 21.08 10.13
CA ASP G 83 0.87 21.84 9.49
C ASP G 83 0.27 23.14 8.95
N PRO G 84 0.79 24.29 9.41
CA PRO G 84 0.20 25.59 9.01
C PRO G 84 0.41 25.91 7.53
N LEU G 85 1.42 25.28 6.93
CA LEU G 85 1.79 25.55 5.56
C LEU G 85 0.90 24.76 4.59
N GLY G 86 0.39 23.63 5.06
CA GLY G 86 -0.45 22.75 4.26
C GLY G 86 -1.52 23.39 3.40
N PRO G 87 -2.49 24.08 4.03
CA PRO G 87 -3.59 24.72 3.29
C PRO G 87 -3.11 25.79 2.32
N ILE G 88 -2.02 26.45 2.67
CA ILE G 88 -1.49 27.54 1.86
C ILE G 88 -0.84 27.01 0.59
N ILE G 89 0.00 25.99 0.71
CA ILE G 89 0.61 25.34 -0.44
C ILE G 89 -0.44 24.85 -1.44
N LYS G 90 -1.41 24.09 -0.94
CA LYS G 90 -2.46 23.53 -1.78
C LYS G 90 -3.23 24.61 -2.52
N LEU G 91 -3.58 25.67 -1.78
CA LEU G 91 -4.28 26.80 -2.37
C LEU G 91 -3.49 27.42 -3.52
N PHE G 92 -2.16 27.49 -3.35
CA PHE G 92 -1.30 28.03 -4.40
C PHE G 92 -1.02 27.04 -5.53
N ASP G 93 -0.87 25.77 -5.20
CA ASP G 93 -0.67 24.74 -6.22
C ASP G 93 -1.84 24.66 -7.19
N ASP G 94 -3.05 24.58 -6.62
CA ASP G 94 -4.25 24.44 -7.42
C ASP G 94 -4.49 25.68 -8.30
N ALA G 95 -3.78 26.77 -7.98
CA ALA G 95 -3.84 27.96 -8.81
C ALA G 95 -2.65 28.02 -9.78
N GLY G 96 -1.86 26.95 -9.80
CA GLY G 96 -0.82 26.78 -10.81
C GLY G 96 0.59 27.16 -10.41
N TYR G 97 0.81 27.45 -9.14
CA TYR G 97 2.10 27.98 -8.74
C TYR G 97 3.20 26.93 -8.58
N ILE G 98 2.81 25.65 -8.72
CA ILE G 98 3.70 24.47 -8.65
C ILE G 98 5.13 24.64 -8.13
N GLY G 99 5.86 25.58 -8.73
CA GLY G 99 7.25 25.86 -8.31
C GLY G 99 7.42 26.44 -6.92
N VAL G 100 8.44 25.93 -6.22
CA VAL G 100 8.75 26.39 -4.88
C VAL G 100 10.25 26.62 -4.78
N VAL G 101 10.63 27.62 -3.99
CA VAL G 101 12.03 27.97 -3.79
C VAL G 101 12.09 28.76 -2.50
N ALA G 102 13.06 28.43 -1.65
CA ALA G 102 13.33 29.16 -0.42
C ALA G 102 14.11 30.41 -0.78
N THR G 103 13.88 31.49 -0.04
CA THR G 103 14.50 32.77 -0.39
C THR G 103 15.20 33.43 0.79
N ASN G 104 14.66 33.21 1.99
CA ASN G 104 15.26 33.75 3.21
C ASN G 104 15.21 32.74 4.34
N CYS G 105 16.28 32.69 5.13
CA CYS G 105 16.35 31.83 6.28
C CYS G 105 17.12 32.59 7.36
N GLU G 106 16.45 32.91 8.46
CA GLU G 106 17.10 33.58 9.59
C GLU G 106 16.97 32.67 10.80
N GLN G 107 18.09 32.08 11.23
CA GLN G 107 18.08 31.15 12.34
C GLN G 107 18.79 31.73 13.55
N THR G 108 18.24 31.50 14.74
CA THR G 108 18.87 31.89 16.00
C THR G 108 19.09 30.62 16.80
N TYR G 109 20.27 30.49 17.39
CA TYR G 109 20.61 29.30 18.15
C TYR G 109 20.82 29.66 19.60
N HIS G 110 19.95 29.16 20.47
CA HIS G 110 20.05 29.50 21.89
C HIS G 110 21.24 28.81 22.54
N ARG G 111 21.50 27.57 22.13
CA ARG G 111 22.66 26.81 22.58
C ARG G 111 23.00 25.73 21.57
N TYR G 112 24.17 25.10 21.75
CA TYR G 112 24.55 23.95 20.94
C TYR G 112 23.88 22.69 21.45
N LEU G 113 23.54 21.79 20.54
CA LEU G 113 22.93 20.50 20.87
C LEU G 113 23.96 19.38 20.98
N LEU G 114 23.65 18.39 21.81
CA LEU G 114 24.51 17.23 22.00
C LEU G 114 23.89 15.98 21.39
N PRO G 115 24.73 15.08 20.84
CA PRO G 115 24.23 13.77 20.43
C PRO G 115 23.40 13.14 21.53
N GLY G 116 22.25 12.60 21.16
CA GLY G 116 21.34 11.97 22.11
C GLY G 116 20.13 12.80 22.46
N GLU G 117 20.24 14.12 22.27
CA GLU G 117 19.13 15.01 22.54
C GLU G 117 18.07 14.88 21.46
N GLN G 118 16.81 14.90 21.89
CA GLN G 118 15.68 14.74 20.99
CA GLN G 118 15.66 14.73 21.02
C GLN G 118 14.98 16.07 20.75
N VAL G 119 15.00 16.50 19.50
CA VAL G 119 14.46 17.79 19.11
C VAL G 119 12.99 17.65 18.68
N SER G 120 12.19 18.65 19.01
CA SER G 120 10.84 18.75 18.45
C SER G 120 10.72 20.09 17.73
N ILE G 121 9.77 20.15 16.79
CA ILE G 121 9.54 21.35 16.00
C ILE G 121 8.09 21.82 16.10
N SER G 122 7.91 23.12 16.22
CA SER G 122 6.58 23.73 16.15
C SER G 122 6.59 24.88 15.16
N ALA G 123 5.53 25.02 14.38
CA ALA G 123 5.52 26.00 13.30
C ALA G 123 4.31 26.90 13.39
N GLU G 124 4.48 28.15 12.99
CA GLU G 124 3.38 29.09 12.86
C GLU G 124 3.44 29.76 11.50
N LEU G 125 2.29 29.99 10.90
CA LEU G 125 2.22 30.73 9.65
C LEU G 125 2.47 32.22 9.94
N GLY G 126 3.29 32.84 9.10
CA GLY G 126 3.50 34.28 9.16
C GLY G 126 2.80 34.95 8.00
N ASP G 127 3.38 36.06 7.53
CA ASP G 127 2.76 36.82 6.45
C ASP G 127 2.85 36.14 5.10
N VAL G 128 1.76 36.22 4.36
CA VAL G 128 1.75 35.80 2.97
C VAL G 128 1.50 37.05 2.15
N VAL G 129 2.43 37.36 1.26
CA VAL G 129 2.24 38.52 0.40
C VAL G 129 2.76 38.24 -0.99
N GLY G 130 2.31 39.05 -1.93
CA GLY G 130 2.89 39.07 -3.24
C GLY G 130 1.99 38.55 -4.33
N PRO G 131 0.78 39.16 -4.49
CA PRO G 131 0.14 38.94 -5.79
C PRO G 131 1.03 39.53 -6.88
N LYS G 132 1.98 40.37 -6.45
CA LYS G 132 3.02 40.90 -7.31
C LYS G 132 4.29 40.06 -7.21
N GLN G 133 4.56 39.29 -8.24
CA GLN G 133 5.84 38.61 -8.35
C GLN G 133 6.78 39.46 -9.18
N THR G 134 7.95 38.90 -9.45
CA THR G 134 8.90 39.52 -10.35
C THR G 134 9.66 38.48 -11.17
N ALA G 135 10.49 37.67 -10.52
CA ALA G 135 11.38 36.76 -11.24
C ALA G 135 11.06 35.28 -11.03
N LEU G 136 11.56 34.46 -11.97
CA LEU G 136 11.27 33.02 -12.07
C LEU G 136 9.83 32.74 -12.51
N GLY G 137 9.04 33.81 -12.64
CA GLY G 137 7.65 33.70 -13.02
C GLY G 137 6.79 34.53 -12.06
N GLU G 138 5.48 34.32 -12.11
CA GLU G 138 4.58 34.94 -11.15
C GLU G 138 4.47 34.09 -9.88
N GLY G 139 4.38 34.72 -8.72
CA GLY G 139 4.43 33.99 -7.47
C GLY G 139 4.16 34.75 -6.18
N TRP G 140 4.09 34.00 -5.10
CA TRP G 140 3.73 34.52 -3.77
C TRP G 140 4.77 34.17 -2.73
N PHE G 141 5.04 35.10 -1.83
CA PHE G 141 5.97 34.87 -0.71
C PHE G 141 5.24 34.51 0.59
N ILE G 142 5.72 33.48 1.26
CA ILE G 142 5.07 33.00 2.48
C ILE G 142 6.09 32.90 3.59
N ASN G 143 5.79 33.57 4.72
CA ASN G 143 6.67 33.55 5.88
C ASN G 143 6.20 32.55 6.93
N GLN G 144 7.16 31.97 7.65
CA GLN G 144 6.86 31.07 8.76
C GLN G 144 7.79 31.33 9.92
N HIS G 145 7.27 31.15 11.13
CA HIS G 145 8.10 31.18 12.34
C HIS G 145 8.15 29.78 12.92
N ILE G 146 9.37 29.28 13.09
CA ILE G 146 9.62 27.92 13.56
C ILE G 146 10.37 27.98 14.89
N VAL G 147 9.96 27.14 15.84
CA VAL G 147 10.69 26.99 17.09
C VAL G 147 11.01 25.53 17.32
N TRP G 148 12.25 25.26 17.72
CA TRP G 148 12.66 23.92 18.10
C TRP G 148 12.89 23.85 19.60
N GLN G 149 12.49 22.73 20.18
CA GLN G 149 12.65 22.53 21.63
C GLN G 149 13.37 21.22 21.88
N VAL G 150 14.05 21.16 23.02
CA VAL G 150 14.43 19.89 23.59
C VAL G 150 13.68 19.83 24.92
N GLY G 151 12.73 18.91 25.03
CA GLY G 151 11.77 18.95 26.12
C GLY G 151 10.97 20.23 26.02
N ASP G 152 10.97 21.02 27.09
CA ASP G 152 10.24 22.29 27.11
C ASP G 152 11.18 23.48 26.96
N GLU G 153 12.44 23.21 26.62
CA GLU G 153 13.45 24.24 26.44
C GLU G 153 13.55 24.64 24.97
N ASP G 154 13.29 25.92 24.66
CA ASP G 154 13.56 26.40 23.30
C ASP G 154 15.07 26.40 23.05
N VAL G 155 15.48 25.76 21.96
CA VAL G 155 16.91 25.65 21.62
C VAL G 155 17.29 26.40 20.34
N ALA G 156 16.30 26.65 19.50
CA ALA G 156 16.54 27.41 18.27
C ALA G 156 15.24 27.95 17.71
N GLU G 157 15.33 28.93 16.83
CA GLU G 157 14.15 29.40 16.13
C GLU G 157 14.52 29.86 14.74
N MET G 158 13.52 29.94 13.86
CA MET G 158 13.78 30.39 12.51
C MET G 158 12.64 31.23 11.97
N ASN G 159 12.99 32.28 11.24
CA ASN G 159 12.07 32.95 10.34
C ASN G 159 12.43 32.48 8.95
N TRP G 160 11.44 31.96 8.24
CA TRP G 160 11.64 31.14 7.07
C TRP G 160 10.74 31.69 5.98
N ARG G 161 11.29 31.99 4.81
CA ARG G 161 10.49 32.55 3.73
C ARG G 161 10.68 31.79 2.43
N ILE G 162 9.57 31.36 1.83
CA ILE G 162 9.62 30.63 0.56
C ILE G 162 8.82 31.37 -0.50
N LEU G 163 9.10 31.07 -1.77
CA LEU G 163 8.34 31.64 -2.89
C LEU G 163 7.65 30.52 -3.67
N LYS G 164 6.34 30.64 -3.84
CA LYS G 164 5.59 29.74 -4.73
C LYS G 164 5.40 30.46 -6.06
N PHE G 165 5.91 29.90 -7.16
CA PHE G 165 5.93 30.61 -8.44
C PHE G 165 5.53 29.76 -9.66
N LYS G 166 4.73 30.33 -10.56
CA LYS G 166 4.38 29.66 -11.81
C LYS G 166 5.58 29.68 -12.76
N PRO G 167 6.10 28.49 -13.11
CA PRO G 167 7.32 28.35 -13.93
C PRO G 167 7.26 29.04 -15.28
N MET H 1 43.07 42.33 18.24
CA MET H 1 41.62 42.38 18.47
C MET H 1 40.83 42.36 17.17
N THR H 2 39.60 41.83 17.25
CA THR H 2 38.65 41.84 16.15
C THR H 2 38.00 43.22 16.03
N VAL H 3 38.05 43.81 14.84
CA VAL H 3 37.54 45.17 14.67
C VAL H 3 36.59 45.30 13.49
N VAL H 4 35.72 46.30 13.57
CA VAL H 4 34.81 46.61 12.47
C VAL H 4 35.57 46.85 11.17
N GLY H 5 35.16 46.15 10.12
CA GLY H 5 35.77 46.31 8.81
C GLY H 5 36.79 45.23 8.49
N ALA H 6 37.15 44.44 9.50
CA ALA H 6 38.08 43.34 9.33
C ALA H 6 37.57 42.36 8.27
N VAL H 7 38.44 42.01 7.32
CA VAL H 7 38.06 41.20 6.18
C VAL H 7 38.41 39.73 6.41
N LEU H 8 37.50 38.84 6.06
CA LEU H 8 37.72 37.40 6.19
C LEU H 8 38.44 36.87 4.95
N PRO H 9 39.21 35.78 5.12
CA PRO H 9 39.86 35.13 3.97
C PRO H 9 38.81 34.62 3.00
N GLU H 10 39.11 34.61 1.71
CA GLU H 10 38.13 34.14 0.73
C GLU H 10 38.05 32.61 0.75
N LEU H 11 36.91 32.08 0.37
CA LEU H 11 36.73 30.65 0.18
C LEU H 11 36.06 30.44 -1.15
N LYS H 12 36.69 29.67 -2.03
CA LYS H 12 36.10 29.33 -3.32
C LYS H 12 35.66 27.87 -3.35
N LEU H 13 34.42 27.64 -3.75
CA LEU H 13 33.85 26.30 -3.78
C LEU H 13 33.27 25.99 -5.15
N TYR H 14 33.70 24.88 -5.71
CA TYR H 14 33.24 24.39 -7.00
C TYR H 14 31.99 23.53 -6.79
N GLY H 15 30.89 23.93 -7.38
CA GLY H 15 29.65 23.18 -7.23
C GLY H 15 29.52 22.07 -8.25
N ASP H 16 30.35 21.04 -8.16
CA ASP H 16 30.14 19.90 -9.05
C ASP H 16 28.88 19.14 -8.63
N PRO H 17 28.33 18.31 -9.53
CA PRO H 17 27.09 17.62 -9.19
C PRO H 17 27.19 16.82 -7.89
N THR H 18 28.32 16.16 -7.63
CA THR H 18 28.43 15.39 -6.39
C THR H 18 28.25 16.29 -5.15
N PHE H 19 28.85 17.48 -5.19
CA PHE H 19 28.71 18.41 -4.09
C PHE H 19 27.24 18.79 -3.89
N ILE H 20 26.56 19.13 -4.98
CA ILE H 20 25.18 19.60 -4.86
C ILE H 20 24.25 18.50 -4.37
N VAL H 21 24.40 17.29 -4.90
CA VAL H 21 23.56 16.15 -4.52
C VAL H 21 23.84 15.70 -3.09
N SER H 22 25.13 15.55 -2.76
CA SER H 22 25.50 15.03 -1.46
C SER H 22 25.13 15.98 -0.34
N THR H 23 25.30 17.29 -0.57
CA THR H 23 24.89 18.27 0.44
C THR H 23 23.38 18.27 0.61
N ALA H 24 22.63 18.28 -0.48
CA ALA H 24 21.18 18.29 -0.36
C ALA H 24 20.70 17.10 0.44
N LEU H 25 21.18 15.91 0.13
CA LEU H 25 20.69 14.73 0.85
C LEU H 25 21.22 14.63 2.28
N ALA H 26 22.42 15.16 2.53
CA ALA H 26 22.93 15.19 3.90
C ALA H 26 22.14 16.20 4.75
N THR H 27 21.45 17.14 4.11
CA THR H 27 20.54 18.03 4.83
C THR H 27 19.11 17.48 4.85
N ARG H 28 18.96 16.26 4.34
CA ARG H 28 17.67 15.55 4.31
C ARG H 28 16.62 16.26 3.50
N ASP H 29 17.09 16.90 2.43
CA ASP H 29 16.24 17.59 1.48
C ASP H 29 16.20 16.78 0.20
N PHE H 30 15.05 16.17 -0.05
CA PHE H 30 14.86 15.26 -1.17
C PHE H 30 14.12 15.91 -2.33
N GLN H 31 14.02 17.24 -2.30
CA GLN H 31 13.34 17.96 -3.38
C GLN H 31 14.05 17.68 -4.69
N ASP H 32 13.28 17.37 -5.73
CA ASP H 32 13.86 16.89 -6.97
C ASP H 32 14.90 17.81 -7.58
N VAL H 33 14.68 19.12 -7.46
CA VAL H 33 15.52 20.10 -8.15
C VAL H 33 17.00 20.13 -7.71
N HIS H 34 17.33 19.52 -6.57
CA HIS H 34 18.73 19.49 -6.12
C HIS H 34 19.49 18.25 -6.54
N HIS H 35 18.80 17.30 -7.15
CA HIS H 35 19.49 16.09 -7.60
C HIS H 35 18.98 15.53 -8.93
N ASP H 36 17.95 16.15 -9.51
CA ASP H 36 17.33 15.66 -10.75
C ASP H 36 17.32 16.79 -11.77
N ARG H 37 18.28 16.75 -12.69
CA ARG H 37 18.44 17.80 -13.70
C ARG H 37 17.17 18.00 -14.52
N ASP H 38 16.56 16.89 -14.90
CA ASP H 38 15.37 16.98 -15.74
C ASP H 38 14.25 17.72 -15.02
N LYS H 39 14.08 17.46 -13.73
CA LYS H 39 13.06 18.16 -12.96
C LYS H 39 13.38 19.64 -12.75
N ALA H 40 14.66 19.95 -12.52
CA ALA H 40 15.09 21.34 -12.45
C ALA H 40 14.74 22.06 -13.76
N VAL H 41 15.10 21.46 -14.89
CA VAL H 41 14.85 22.04 -16.20
C VAL H 41 13.36 22.22 -16.45
N ALA H 42 12.57 21.24 -16.00
CA ALA H 42 11.12 21.30 -16.20
C ALA H 42 10.49 22.49 -15.47
N GLN H 43 11.11 22.92 -14.37
CA GLN H 43 10.58 24.06 -13.62
C GLN H 43 11.21 25.38 -14.04
N GLY H 44 12.02 25.34 -15.10
CA GLY H 44 12.57 26.55 -15.68
C GLY H 44 13.95 26.92 -15.15
N SER H 45 14.58 25.99 -14.45
CA SER H 45 15.94 26.22 -13.97
C SER H 45 16.94 25.67 -14.99
N LYS H 46 18.17 26.16 -14.96
CA LYS H 46 19.17 25.71 -15.92
C LYS H 46 19.64 24.28 -15.67
N ASP H 47 19.76 23.91 -14.40
CA ASP H 47 20.33 22.63 -13.99
C ASP H 47 20.03 22.49 -12.52
N ILE H 48 20.47 21.39 -11.90
CA ILE H 48 20.34 21.25 -10.45
C ILE H 48 21.08 22.38 -9.75
N PHE H 49 20.64 22.69 -8.54
CA PHE H 49 21.17 23.83 -7.83
C PHE H 49 21.21 23.57 -6.33
N VAL H 50 22.11 24.28 -5.67
CA VAL H 50 22.35 24.10 -4.23
C VAL H 50 21.15 24.57 -3.41
N ASN H 51 20.83 23.82 -2.35
CA ASN H 51 19.68 24.17 -1.49
C ASN H 51 20.02 25.15 -0.36
N ILE H 52 19.00 25.72 0.26
CA ILE H 52 19.23 26.76 1.27
C ILE H 52 19.84 26.20 2.57
N LEU H 53 19.52 24.96 2.93
CA LEU H 53 20.14 24.34 4.11
C LEU H 53 21.64 24.20 3.93
N THR H 54 22.08 23.93 2.71
CA THR H 54 23.50 23.88 2.41
C THR H 54 24.13 25.26 2.49
N ASP H 55 23.46 26.26 1.92
CA ASP H 55 23.93 27.65 2.06
C ASP H 55 24.15 28.03 3.52
N THR H 56 23.22 27.62 4.39
CA THR H 56 23.33 27.95 5.80
C THR H 56 24.58 27.31 6.40
N GLY H 57 24.79 26.03 6.08
CA GLY H 57 25.94 25.29 6.55
C GLY H 57 27.25 25.84 6.02
N LEU H 58 27.26 26.27 4.75
CA LEU H 58 28.47 26.84 4.18
C LEU H 58 28.82 28.19 4.78
N VAL H 59 27.80 29.01 5.06
CA VAL H 59 28.06 30.30 5.71
C VAL H 59 28.63 30.08 7.10
N GLN H 60 28.11 29.08 7.80
CA GLN H 60 28.59 28.71 9.13
C GLN H 60 30.05 28.28 9.04
N ARG H 61 30.32 27.39 8.09
CA ARG H 61 31.67 26.89 7.87
C ARG H 61 32.64 28.02 7.55
N TYR H 62 32.21 28.93 6.70
CA TYR H 62 33.05 30.05 6.27
C TYR H 62 33.48 30.91 7.46
N VAL H 63 32.52 31.23 8.33
CA VAL H 63 32.78 32.06 9.50
C VAL H 63 33.66 31.34 10.53
N THR H 64 33.38 30.07 10.81
CA THR H 64 34.18 29.31 11.78
C THR H 64 35.56 28.92 11.27
N ASP H 65 35.72 28.78 9.96
CA ASP H 65 37.04 28.60 9.37
C ASP H 65 37.93 29.75 9.83
N TRP H 66 37.35 30.95 9.87
CA TRP H 66 38.06 32.16 10.26
C TRP H 66 38.14 32.35 11.78
N ALA H 67 37.03 32.11 12.46
CA ALA H 67 36.95 32.41 13.89
C ALA H 67 37.53 31.30 14.78
N GLY H 68 37.54 30.09 14.24
CA GLY H 68 38.14 28.97 14.94
C GLY H 68 37.13 28.13 15.71
N PRO H 69 37.44 27.19 16.19
CA PRO H 69 36.58 26.23 16.88
C PRO H 69 36.06 26.69 18.24
N SER H 70 36.53 27.64 18.81
CA SER H 70 35.93 28.17 20.03
C SER H 70 34.84 29.19 19.74
N ALA H 71 34.62 29.48 18.46
CA ALA H 71 33.54 30.38 18.07
C ALA H 71 32.19 29.80 18.42
N LEU H 72 31.29 30.63 18.95
CA LEU H 72 29.93 30.21 19.23
C LEU H 72 29.00 30.97 18.30
N ILE H 73 28.41 30.26 17.35
CA ILE H 73 27.47 30.87 16.43
C ILE H 73 26.15 31.11 17.16
N LYS H 74 25.71 32.37 17.14
CA LYS H 74 24.48 32.75 17.81
C LYS H 74 23.32 32.86 16.84
N SER H 75 23.61 33.28 15.61
CA SER H 75 22.58 33.41 14.58
C SER H 75 23.16 33.50 13.18
N ILE H 76 22.40 32.98 12.21
CA ILE H 76 22.74 33.13 10.80
C ILE H 76 21.47 33.55 10.06
N GLY H 77 21.52 34.69 9.40
CA GLY H 77 20.39 35.12 8.60
C GLY H 77 20.84 35.30 7.17
N LEU H 78 20.14 34.69 6.22
CA LEU H 78 20.56 34.88 4.84
C LEU H 78 19.44 35.12 3.85
N ARG H 79 19.82 35.75 2.74
CA ARG H 79 18.92 36.05 1.66
C ARG H 79 19.52 35.46 0.39
N LEU H 80 18.72 34.72 -0.36
CA LEU H 80 19.21 34.14 -1.59
C LEU H 80 19.06 35.10 -2.77
N GLY H 81 20.02 35.05 -3.68
CA GLY H 81 19.95 35.84 -4.90
C GLY H 81 19.86 34.90 -6.09
N VAL H 82 20.89 34.92 -6.94
CA VAL H 82 20.96 34.05 -8.11
C VAL H 82 21.23 32.60 -7.70
N PRO H 83 20.81 31.63 -8.53
CA PRO H 83 21.03 30.23 -8.15
C PRO H 83 22.50 29.83 -8.24
N TRP H 84 22.86 28.81 -7.49
CA TRP H 84 24.16 28.19 -7.62
C TRP H 84 23.96 26.88 -8.36
N TYR H 85 24.23 26.91 -9.67
CA TYR H 85 23.99 25.77 -10.53
C TYR H 85 25.21 24.88 -10.59
N ALA H 86 25.00 23.61 -10.96
CA ALA H 86 26.11 22.70 -11.22
C ALA H 86 27.16 23.35 -12.12
N TYR H 87 28.42 23.18 -11.72
CA TYR H 87 29.61 23.65 -12.45
C TYR H 87 29.95 25.12 -12.22
N ASP H 88 29.12 25.83 -11.46
CA ASP H 88 29.48 27.20 -11.10
C ASP H 88 30.32 27.20 -9.84
N THR H 89 31.14 28.23 -9.68
CA THR H 89 31.97 28.36 -8.50
C THR H 89 31.49 29.56 -7.70
N VAL H 90 31.27 29.36 -6.42
CA VAL H 90 30.91 30.47 -5.54
C VAL H 90 32.12 30.89 -4.72
N THR H 91 32.40 32.18 -4.75
CA THR H 91 33.43 32.75 -3.91
C THR H 91 32.78 33.45 -2.72
N PHE H 92 33.16 33.03 -1.52
CA PHE H 92 32.68 33.68 -0.31
C PHE H 92 33.64 34.78 0.15
N SER H 93 33.08 35.94 0.45
CA SER H 93 33.83 37.05 1.05
C SER H 93 33.08 37.49 2.30
N GLY H 94 33.78 38.16 3.21
CA GLY H 94 33.17 38.49 4.48
C GLY H 94 33.87 39.64 5.16
N GLU H 95 33.14 40.34 6.02
CA GLU H 95 33.69 41.49 6.72
C GLU H 95 32.96 41.69 8.03
N VAL H 96 33.69 42.07 9.08
CA VAL H 96 33.07 42.40 10.34
C VAL H 96 32.36 43.74 10.24
N THR H 97 31.09 43.77 10.60
CA THR H 97 30.30 45.00 10.51
C THR H 97 30.03 45.66 11.86
N ALA H 98 30.06 44.87 12.93
CA ALA H 98 29.93 45.42 14.27
C ALA H 98 30.63 44.54 15.30
N VAL H 99 31.12 45.17 16.35
CA VAL H 99 31.64 44.45 17.50
C VAL H 99 31.08 45.14 18.74
N ASN H 100 30.31 44.41 19.52
CA ASN H 100 29.66 45.00 20.69
C ASN H 100 29.62 44.03 21.85
N ASP H 101 30.44 44.31 22.87
CA ASP H 101 30.50 43.52 24.09
C ASP H 101 30.75 42.03 23.80
N GLY H 102 31.76 41.76 22.98
CA GLY H 102 32.15 40.38 22.69
C GLY H 102 31.27 39.70 21.66
N LEU H 103 30.22 40.40 21.21
CA LEU H 103 29.37 39.89 20.14
C LEU H 103 29.82 40.47 18.80
N ILE H 104 30.17 39.58 17.89
CA ILE H 104 30.68 39.97 16.58
C ILE H 104 29.61 39.78 15.52
N THR H 105 29.46 40.77 14.64
CA THR H 105 28.56 40.64 13.50
C THR H 105 29.38 40.64 12.21
N VAL H 106 29.15 39.62 11.39
CA VAL H 106 29.88 39.47 10.14
C VAL H 106 28.91 39.44 8.97
N LYS H 107 29.18 40.23 7.94
CA LYS H 107 28.44 40.15 6.68
C LYS H 107 29.19 39.24 5.72
N VAL H 108 28.48 38.29 5.12
CA VAL H 108 29.06 37.33 4.21
C VAL H 108 28.36 37.42 2.86
N VAL H 109 29.12 37.39 1.79
CA VAL H 109 28.51 37.32 0.46
C VAL H 109 29.14 36.19 -0.34
N GLY H 110 28.29 35.36 -0.94
CA GLY H 110 28.75 34.34 -1.87
C GLY H 110 28.37 34.76 -3.28
N ARG H 111 29.37 34.93 -4.14
CA ARG H 111 29.11 35.38 -5.51
C ARG H 111 29.53 34.31 -6.50
N ASN H 112 28.77 34.20 -7.60
CA ASN H 112 29.18 33.33 -8.69
C ASN H 112 29.11 34.08 -10.02
N THR H 113 29.11 33.32 -11.12
CA THR H 113 29.08 33.89 -12.45
C THR H 113 27.80 34.69 -12.71
N LEU H 114 26.70 34.26 -12.10
CA LEU H 114 25.42 34.94 -12.30
C LEU H 114 25.23 36.19 -11.43
N GLY H 115 26.00 36.30 -10.35
CA GLY H 115 25.91 37.45 -9.47
C GLY H 115 26.02 37.07 -8.01
N ASP H 116 25.32 37.78 -7.14
CA ASP H 116 25.30 37.45 -5.72
C ASP H 116 24.35 36.27 -5.48
N HIS H 117 24.90 35.14 -5.06
CA HIS H 117 24.11 33.95 -4.77
C HIS H 117 23.49 33.99 -3.38
N VAL H 118 24.28 34.43 -2.39
CA VAL H 118 23.78 34.53 -1.04
C VAL H 118 24.41 35.71 -0.32
N THR H 119 23.61 36.37 0.49
CA THR H 119 24.09 37.42 1.37
CA THR H 119 24.08 37.43 1.36
C THR H 119 23.62 37.10 2.78
N ALA H 120 24.55 37.08 3.72
CA ALA H 120 24.22 36.67 5.07
C ALA H 120 24.78 37.59 6.15
N THR H 121 24.13 37.55 7.30
CA THR H 121 24.61 38.23 8.49
C THR H 121 24.76 37.16 9.55
N VAL H 122 25.94 37.06 10.13
CA VAL H 122 26.22 36.08 11.17
C VAL H 122 26.59 36.79 12.47
N GLU H 123 26.00 36.36 13.58
CA GLU H 123 26.38 36.85 14.90
C GLU H 123 27.07 35.72 15.65
N LEU H 124 28.17 36.02 16.32
CA LEU H 124 28.91 35.00 17.03
C LEU H 124 29.69 35.63 18.16
N SER H 125 30.13 34.81 19.11
CA SER H 125 31.10 35.25 20.09
C SER H 125 32.44 34.58 19.78
N MET H 126 33.52 35.23 20.18
CA MET H 126 34.87 34.73 19.90
C MET H 126 35.73 34.86 21.15
#